data_6H2Y
#
_entry.id   6H2Y
#
_cell.length_a   42.979
_cell.length_b   65.279
_cell.length_c   278.828
_cell.angle_alpha   90.00
_cell.angle_beta   90.00
_cell.angle_gamma   90.00
#
_symmetry.space_group_name_H-M   'P 2 21 21'
#
loop_
_entity.id
_entity.type
_entity.pdbx_description
1 polymer 'Lipoprotein GNA1870'
2 polymer 'Heavy chain'
3 polymer 'Light chain'
4 non-polymer 1,2-ETHANEDIOL
5 non-polymer DI(HYDROXYETHYL)ETHER
6 non-polymer 3,6,9,12,15,18-HEXAOXAICOSANE-1,20-DIOL
7 non-polymer 'TETRAETHYLENE GLYCOL'
8 water water
#
loop_
_entity_poly.entity_id
_entity_poly.type
_entity_poly.pdbx_seq_one_letter_code
_entity_poly.pdbx_strand_id
1 'polypeptide(L)'
;MGPDSDRLQQRRVAADIGTGLADALTAPLDHKDKGLKSLTLEDSIPQNGTLTLSAQGAEKTFKAGDKDNSLNTGKLKNDK
ISRFDFVQKIEVDGQTITLASGEFQIYKQNHSAVVALQIEKINNPDKTDSLINQRSFLVSGLGGEHTAFNQLPGGKAEYH
GKAFSSDDPNGRLHYSIDFTKKQGYGRIEHLKTLEQNVELAAAELKADEKSHAVILGDTRYGSEEKGTYHLALFGDRAQE
IAGSATVKIGEKVHEIGIAGKQKLAAALEHHHHHH
;
D
2 'polypeptide(L)'
;EVQLVQSGAEVKKPGSSVKVSCKASGGTVIDYPITWVRQAPGQGLEWVGGFVPLFRTSNYGQKFQGRVTITADKSTSTAS
MELNSLTSEDTAIYYCARGDTAMGPFDYWGQGTLVTVSSASTKGPSVFPLAPSSKSTSGGTAALGCLVKDYFPEPVTVSW
NSGALTSGVHTFPAVLQSSGLYSLSSVVTVPSSSLGTQTYICNVNHKPSNTKVDKRVEPKSCDK
;
H
3 'polypeptide(L)'
;VVSYVLTQPPSLSVAPGKTATLTCGGNNIAGKTVHWYQQRPGQAPVLVISYDSDRPSGIPERFSGSNSANTATLTISRVE
AGDEADYYCQVWDRNSDHWVFGGGTKLTVLGQPKAAPSVTLFPPSSEELQANKATLVCLISDFYPGAVTVAWKADSSPVK
AGVETTTPSKQSNNKYAASSYLSLTPEQWKSHRSYSCQVTHEGSTVEKTVAPTECS
;
L
#
# COMPACT_ATOMS: atom_id res chain seq x y z
N LEU A 21 1.68 1.10 20.68
CA LEU A 21 1.49 2.53 20.43
C LEU A 21 2.78 3.24 20.64
N ALA A 22 2.78 4.53 20.34
CA ALA A 22 3.87 5.41 20.75
C ALA A 22 3.68 5.88 22.18
N ASP A 23 2.42 5.95 22.63
CA ASP A 23 2.09 6.42 23.96
C ASP A 23 2.86 5.65 25.02
N ALA A 24 3.09 4.36 24.77
CA ALA A 24 3.85 3.50 25.67
C ALA A 24 5.11 4.19 26.19
N LEU A 25 5.63 5.18 25.45
CA LEU A 25 6.79 5.97 25.86
C LEU A 25 6.43 7.37 26.33
N THR A 26 5.29 7.93 25.86
CA THR A 26 4.96 9.35 26.01
C THR A 26 3.49 9.53 26.42
N ALA A 27 3.16 9.08 27.63
CA ALA A 27 1.86 9.21 28.29
C ALA A 27 2.04 8.63 29.68
N PRO A 28 1.37 9.18 30.69
CA PRO A 28 1.52 8.64 32.05
C PRO A 28 0.78 7.32 32.19
N LEU A 29 0.75 6.78 33.41
CA LEU A 29 0.03 5.53 33.65
C LEU A 29 -1.38 5.86 34.12
N ASP A 30 -2.31 5.95 33.18
CA ASP A 30 -3.73 5.86 33.51
C ASP A 30 -4.05 4.43 33.92
N HIS A 31 -4.68 4.29 35.09
CA HIS A 31 -5.04 2.96 35.60
C HIS A 31 -5.96 2.23 34.63
N LYS A 32 -6.89 2.94 34.00
CA LYS A 32 -7.99 2.36 33.23
C LYS A 32 -7.56 1.86 31.86
N ASP A 33 -6.34 1.33 31.76
CA ASP A 33 -5.80 0.78 30.53
C ASP A 33 -6.03 -0.73 30.47
N LYS A 34 -5.68 -1.30 29.32
CA LYS A 34 -6.05 -2.66 28.94
C LYS A 34 -5.65 -3.78 29.90
N GLY A 35 -4.34 -3.99 30.06
CA GLY A 35 -3.85 -5.11 30.85
C GLY A 35 -2.70 -4.67 31.71
N LEU A 36 -1.61 -5.45 31.68
CA LEU A 36 -0.37 -5.08 32.35
C LEU A 36 -0.02 -3.64 32.00
N LYS A 37 0.07 -2.79 33.02
CA LYS A 37 0.10 -1.36 32.80
C LYS A 37 1.51 -0.79 32.63
N SER A 38 2.55 -1.56 32.96
CA SER A 38 3.91 -1.07 32.76
C SER A 38 4.88 -2.23 32.87
N LEU A 39 6.02 -2.11 32.17
CA LEU A 39 7.10 -3.06 32.31
C LEU A 39 8.44 -2.34 32.29
N THR A 40 9.50 -3.06 32.66
CA THR A 40 10.80 -2.48 32.91
C THR A 40 11.84 -3.09 31.98
N LEU A 41 12.65 -2.23 31.34
CA LEU A 41 13.57 -2.65 30.30
C LEU A 41 15.02 -2.68 30.77
N GLU A 42 15.27 -2.69 32.08
CA GLU A 42 16.65 -2.80 32.56
C GLU A 42 17.35 -4.03 31.99
N ASP A 43 16.59 -5.05 31.57
CA ASP A 43 17.15 -6.28 31.02
C ASP A 43 17.50 -6.18 29.53
N SER A 44 17.13 -5.07 28.88
CA SER A 44 17.48 -4.84 27.48
C SER A 44 18.43 -3.68 27.27
N ILE A 45 18.72 -2.88 28.30
CA ILE A 45 19.70 -1.81 28.24
C ILE A 45 21.08 -2.35 28.58
N PRO A 46 22.10 -2.12 27.75
CA PRO A 46 23.43 -2.66 28.03
C PRO A 46 24.05 -1.97 29.23
N GLN A 47 24.98 -2.70 29.86
CA GLN A 47 25.64 -2.22 31.07
C GLN A 47 26.26 -0.85 30.84
N ASN A 48 25.79 0.13 31.60
CA ASN A 48 26.25 1.51 31.44
C ASN A 48 26.09 2.00 30.01
N GLY A 49 24.92 1.68 29.42
CA GLY A 49 24.64 2.05 28.06
C GLY A 49 23.34 2.81 27.84
N THR A 50 22.77 2.66 26.65
CA THR A 50 21.48 3.25 26.33
C THR A 50 20.64 2.24 25.58
N LEU A 51 19.33 2.43 25.65
CA LEU A 51 18.39 1.83 24.72
C LEU A 51 17.48 2.94 24.27
N THR A 52 17.38 3.14 22.97
CA THR A 52 16.43 4.09 22.43
C THR A 52 15.40 3.32 21.61
N LEU A 53 14.13 3.55 21.89
CA LEU A 53 13.05 2.89 21.17
C LEU A 53 12.11 3.92 20.57
N SER A 54 11.66 3.68 19.35
CA SER A 54 10.76 4.62 18.68
C SER A 54 9.76 3.93 17.75
N ALA A 55 8.59 4.54 17.62
CA ALA A 55 7.53 4.04 16.75
C ALA A 55 6.41 5.06 16.77
N GLN A 56 5.59 5.04 15.71
CA GLN A 56 4.42 5.91 15.60
C GLN A 56 4.76 7.40 15.71
N GLY A 57 5.99 7.76 15.40
CA GLY A 57 6.34 9.17 15.42
C GLY A 57 6.63 9.72 16.79
N ALA A 58 6.87 8.85 17.76
CA ALA A 58 7.41 9.28 19.04
C ALA A 58 8.66 8.47 19.34
N GLU A 59 9.53 9.04 20.17
CA GLU A 59 10.79 8.42 20.53
C GLU A 59 11.02 8.68 22.01
N LYS A 60 11.78 7.79 22.64
CA LYS A 60 12.20 7.96 24.03
C LYS A 60 13.46 7.16 24.24
N THR A 61 14.41 7.75 24.94
CA THR A 61 15.69 7.13 25.17
C THR A 61 15.75 6.69 26.64
N PHE A 62 16.40 5.55 26.90
CA PHE A 62 16.29 4.82 28.18
C PHE A 62 17.67 4.59 28.76
N LYS A 63 18.12 5.51 29.61
CA LYS A 63 19.49 5.45 30.12
C LYS A 63 19.63 4.37 31.19
N ALA A 64 20.72 3.62 31.09
CA ALA A 64 20.95 2.49 31.98
C ALA A 64 21.14 2.96 33.43
N GLY A 65 20.72 2.12 34.37
CA GLY A 65 20.90 2.42 35.77
C GLY A 65 19.78 3.24 36.35
N ASP A 66 19.15 4.08 35.53
CA ASP A 66 18.10 4.96 36.02
C ASP A 66 16.93 4.17 36.58
N LYS A 67 16.10 4.87 37.36
CA LYS A 67 14.80 4.37 37.77
C LYS A 67 13.79 4.48 36.65
N ASP A 68 13.99 5.48 35.83
CA ASP A 68 13.15 5.73 34.67
C ASP A 68 13.43 4.69 33.61
N ASN A 69 13.20 3.42 33.93
CA ASN A 69 13.42 2.32 32.99
C ASN A 69 12.11 1.61 32.70
N SER A 70 10.99 2.28 32.93
CA SER A 70 9.67 1.65 32.82
C SER A 70 9.02 2.03 31.51
N LEU A 71 8.40 1.04 30.87
CA LEU A 71 7.67 1.21 29.63
C LEU A 71 6.18 1.01 29.88
N ASN A 72 5.36 1.96 29.41
CA ASN A 72 3.93 1.92 29.68
C ASN A 72 3.31 0.82 28.84
N THR A 73 3.45 -0.40 29.33
CA THR A 73 2.78 -1.55 28.74
C THR A 73 1.27 -1.30 28.61
N GLY A 74 0.72 -0.50 29.52
CA GLY A 74 -0.73 -0.29 29.51
C GLY A 74 -1.28 0.23 28.19
N LYS A 75 -0.46 0.95 27.42
CA LYS A 75 -0.95 1.58 26.21
C LYS A 75 -1.02 0.65 25.00
N LEU A 76 -0.17 -0.37 24.96
CA LEU A 76 -0.13 -1.28 23.84
C LEU A 76 -1.44 -2.08 23.73
N LYS A 77 -1.54 -2.92 22.70
CA LYS A 77 -2.67 -3.81 22.54
C LYS A 77 -2.37 -5.14 23.22
N ASN A 78 -3.40 -5.75 23.79
CA ASN A 78 -3.24 -7.02 24.47
C ASN A 78 -3.17 -8.17 23.47
N ASP A 79 -2.48 -9.23 23.88
CA ASP A 79 -2.43 -10.48 23.14
C ASP A 79 -1.90 -10.31 21.72
N LYS A 80 -1.14 -9.25 21.44
CA LYS A 80 -0.54 -9.04 20.14
C LYS A 80 0.88 -8.53 20.32
N ILE A 81 1.76 -8.87 19.37
CA ILE A 81 3.14 -8.38 19.40
C ILE A 81 3.18 -6.93 18.95
N SER A 82 3.64 -6.04 19.84
CA SER A 82 3.89 -4.64 19.55
C SER A 82 5.38 -4.44 19.22
N ARG A 83 5.67 -3.48 18.35
CA ARG A 83 7.01 -3.37 17.77
C ARG A 83 7.58 -1.96 17.87
N PHE A 84 8.86 -1.88 18.21
CA PHE A 84 9.57 -0.61 18.32
C PHE A 84 10.92 -0.74 17.65
N ASP A 85 11.28 0.28 16.87
CA ASP A 85 12.66 0.40 16.41
C ASP A 85 13.57 0.68 17.62
N PHE A 86 14.81 0.20 17.54
CA PHE A 86 15.70 0.33 18.69
C PHE A 86 17.15 0.39 18.26
N VAL A 87 17.99 0.83 19.19
CA VAL A 87 19.43 0.93 18.99
C VAL A 87 20.14 0.92 20.33
N GLN A 88 21.15 0.06 20.47
CA GLN A 88 21.92 -0.06 21.69
C GLN A 88 23.23 0.72 21.55
N LYS A 89 23.51 1.60 22.52
CA LYS A 89 24.72 2.40 22.56
C LYS A 89 25.43 2.19 23.88
N ILE A 90 26.73 2.50 23.91
CA ILE A 90 27.48 2.53 25.16
C ILE A 90 28.37 3.77 25.17
N GLU A 91 29.47 3.72 25.94
CA GLU A 91 30.40 4.85 26.03
C GLU A 91 31.85 4.39 25.81
CA GLN A 95 33.73 8.71 23.34
C GLN A 95 32.32 8.16 23.51
N THR A 96 31.86 7.37 22.54
CA THR A 96 30.54 6.74 22.47
C THR A 96 30.50 5.85 21.23
N ILE A 97 29.85 4.69 21.33
CA ILE A 97 29.74 3.78 20.20
C ILE A 97 28.38 3.07 20.24
N THR A 98 27.90 2.71 19.04
CA THR A 98 26.62 2.02 18.86
C THR A 98 26.83 0.51 18.82
N LEU A 99 26.01 -0.23 19.57
CA LEU A 99 26.18 -1.66 19.81
C LEU A 99 25.38 -2.52 18.82
N ALA A 100 24.07 -2.27 18.72
CA ALA A 100 23.24 -3.02 17.80
C ALA A 100 21.98 -2.22 17.52
N SER A 101 21.26 -2.62 16.48
CA SER A 101 19.97 -2.05 16.16
C SER A 101 19.03 -3.16 15.68
N GLY A 102 17.77 -2.81 15.55
CA GLY A 102 16.78 -3.72 15.02
C GLY A 102 15.39 -3.37 15.53
N GLU A 103 14.61 -4.40 15.81
CA GLU A 103 13.20 -4.27 16.19
C GLU A 103 13.02 -4.81 17.61
N PHE A 104 12.53 -3.95 18.49
CA PHE A 104 12.14 -4.31 19.84
C PHE A 104 10.71 -4.85 19.83
N GLN A 105 10.53 -6.12 20.21
CA GLN A 105 9.24 -6.78 20.13
C GLN A 105 8.74 -7.16 21.52
N ILE A 106 7.46 -6.86 21.78
CA ILE A 106 6.85 -7.08 23.09
C ILE A 106 5.48 -7.72 22.88
N TYR A 107 5.26 -8.88 23.48
CA TYR A 107 3.93 -9.47 23.56
C TYR A 107 3.37 -9.25 24.97
N LYS A 108 2.13 -8.76 25.04
CA LYS A 108 1.54 -8.34 26.31
C LYS A 108 0.19 -9.01 26.51
N GLN A 109 0.03 -9.66 27.68
CA GLN A 109 -1.24 -10.11 28.23
C GLN A 109 -1.58 -9.29 29.48
N ASN A 110 -2.53 -9.78 30.27
CA ASN A 110 -3.07 -8.96 31.33
C ASN A 110 -2.19 -8.92 32.57
N HIS A 111 -1.34 -9.92 32.75
CA HIS A 111 -0.48 -9.98 33.92
C HIS A 111 0.96 -10.29 33.58
N SER A 112 1.28 -10.44 32.30
CA SER A 112 2.62 -10.83 31.91
C SER A 112 2.99 -10.08 30.63
N ALA A 113 4.26 -10.20 30.25
CA ALA A 113 4.73 -9.74 28.95
C ALA A 113 6.10 -10.34 28.67
N VAL A 114 6.32 -10.66 27.42
CA VAL A 114 7.61 -11.17 26.95
C VAL A 114 8.16 -10.16 25.95
N VAL A 115 9.49 -10.01 25.94
CA VAL A 115 10.13 -9.01 25.11
C VAL A 115 11.28 -9.66 24.38
N ALA A 116 11.40 -9.32 23.10
CA ALA A 116 12.47 -9.84 22.27
C ALA A 116 13.19 -8.70 21.56
N LEU A 117 14.44 -8.97 21.24
CA LEU A 117 15.29 -8.10 20.45
C LEU A 117 15.58 -8.80 19.14
N GLN A 118 15.16 -8.19 18.03
CA GLN A 118 15.54 -8.67 16.71
C GLN A 118 16.68 -7.79 16.21
N ILE A 119 17.90 -8.18 16.56
CA ILE A 119 19.06 -7.40 16.14
C ILE A 119 19.23 -7.55 14.64
N GLU A 120 19.16 -6.44 13.92
CA GLU A 120 19.38 -6.46 12.49
C GLU A 120 20.79 -6.04 12.10
N LYS A 121 21.41 -5.08 12.78
CA LYS A 121 22.81 -4.76 12.54
C LYS A 121 23.54 -4.78 13.87
N ILE A 122 24.85 -5.00 13.82
CA ILE A 122 25.67 -5.04 15.02
C ILE A 122 26.88 -4.14 14.81
N ASN A 123 27.71 -4.04 15.84
CA ASN A 123 28.96 -3.29 15.74
C ASN A 123 29.98 -4.10 14.94
N ASN A 124 30.69 -3.42 14.06
CA ASN A 124 31.70 -4.12 13.27
C ASN A 124 32.83 -4.55 14.19
N PRO A 125 33.09 -5.86 14.31
CA PRO A 125 34.19 -6.33 15.19
C PRO A 125 35.55 -5.73 14.85
N ASP A 126 35.74 -5.28 13.61
CA ASP A 126 36.95 -4.57 13.21
C ASP A 126 36.74 -3.08 13.36
N LYS A 127 36.04 -2.53 12.38
CA LYS A 127 35.83 -1.09 12.30
C LYS A 127 34.73 -0.72 13.28
N THR A 128 35.13 -0.40 14.51
CA THR A 128 34.21 0.29 15.39
C THR A 128 33.87 1.66 14.80
N ASP A 129 32.69 2.18 15.18
CA ASP A 129 31.99 3.25 14.47
C ASP A 129 31.53 2.79 13.08
N SER A 130 31.32 1.49 12.92
CA SER A 130 30.76 0.89 11.71
C SER A 130 29.85 -0.28 12.10
N LEU A 131 28.75 -0.46 11.37
CA LEU A 131 27.72 -1.46 11.67
C LEU A 131 27.63 -2.47 10.53
N ILE A 132 28.02 -3.71 10.79
CA ILE A 132 27.76 -4.76 9.81
C ILE A 132 26.32 -5.25 9.96
N ASN A 133 25.76 -5.76 8.88
CA ASN A 133 24.44 -6.34 8.91
C ASN A 133 24.53 -7.72 9.55
N GLN A 134 23.62 -8.02 10.47
CA GLN A 134 23.63 -9.30 11.16
C GLN A 134 22.35 -9.54 11.94
N ARG A 135 21.60 -10.59 11.60
CA ARG A 135 20.34 -10.87 12.26
C ARG A 135 20.55 -11.91 13.37
N SER A 136 20.12 -11.55 14.58
CA SER A 136 20.00 -12.48 15.69
C SER A 136 18.74 -12.14 16.46
N PHE A 137 18.28 -13.11 17.27
CA PHE A 137 17.03 -12.99 18.02
C PHE A 137 17.27 -13.49 19.44
N LEU A 138 17.03 -12.63 20.43
CA LEU A 138 17.28 -12.96 21.82
C LEU A 138 16.15 -12.44 22.69
N VAL A 139 15.70 -13.28 23.64
CA VAL A 139 14.65 -12.89 24.57
C VAL A 139 15.32 -12.21 25.76
N SER A 140 14.90 -10.98 26.05
CA SER A 140 15.61 -10.08 26.96
C SER A 140 14.65 -9.39 27.93
N GLY A 141 13.58 -10.10 28.30
CA GLY A 141 12.62 -9.54 29.22
C GLY A 141 11.63 -10.61 29.62
N LEU A 142 11.03 -10.40 30.80
CA LEU A 142 10.08 -11.33 31.38
C LEU A 142 9.48 -10.71 32.62
N GLY A 143 8.26 -10.19 32.53
CA GLY A 143 7.74 -9.46 33.67
C GLY A 143 6.24 -9.26 33.67
N GLY A 144 5.76 -8.91 34.85
CA GLY A 144 4.35 -8.70 35.11
C GLY A 144 4.09 -8.82 36.59
N GLU A 145 3.21 -9.76 36.97
CA GLU A 145 2.86 -10.06 38.36
C GLU A 145 3.04 -11.56 38.58
N HIS A 146 4.28 -11.97 38.85
CA HIS A 146 4.59 -13.39 39.04
C HIS A 146 3.70 -13.97 40.14
N THR A 147 3.36 -15.24 39.98
CA THR A 147 2.61 -15.97 41.00
C THR A 147 3.58 -16.56 42.00
N ALA A 148 3.30 -16.33 43.28
CA ALA A 148 4.12 -16.89 44.34
C ALA A 148 4.00 -18.41 44.34
N PHE A 149 5.15 -19.10 44.41
CA PHE A 149 5.14 -20.55 44.42
C PHE A 149 4.38 -21.13 45.61
N ASN A 150 4.16 -20.34 46.67
CA ASN A 150 3.34 -20.79 47.79
C ASN A 150 1.86 -20.47 47.59
N GLN A 151 1.55 -19.41 46.85
CA GLN A 151 0.16 -19.01 46.62
C GLN A 151 -0.49 -19.74 45.44
N LEU A 152 0.13 -20.82 44.94
CA LEU A 152 -0.43 -21.55 43.81
C LEU A 152 -1.78 -22.16 44.18
N PRO A 153 -2.77 -22.04 43.29
CA PRO A 153 -4.06 -22.72 43.41
C PRO A 153 -4.05 -24.12 42.77
N ALA A 157 -4.88 -26.21 35.18
CA ALA A 157 -5.33 -25.39 34.05
C ALA A 157 -4.54 -25.63 32.78
N GLU A 158 -5.13 -25.23 31.66
CA GLU A 158 -4.51 -25.36 30.34
C GLU A 158 -4.32 -23.97 29.73
N TYR A 159 -3.28 -23.84 28.92
CA TYR A 159 -2.90 -22.57 28.31
C TYR A 159 -2.65 -22.74 26.81
N HIS A 160 -3.10 -21.76 26.01
CA HIS A 160 -2.80 -21.69 24.58
C HIS A 160 -2.45 -20.25 24.20
N GLY A 161 -1.36 -20.09 23.47
CA GLY A 161 -0.89 -18.76 23.13
C GLY A 161 0.01 -18.65 21.90
N LYS A 162 0.92 -17.68 21.95
CA LYS A 162 1.77 -17.32 20.84
C LYS A 162 3.22 -17.70 21.12
N ALA A 163 3.93 -18.15 20.09
CA ALA A 163 5.35 -18.39 20.17
C ALA A 163 6.01 -17.78 18.94
N PHE A 164 7.03 -16.96 19.15
CA PHE A 164 7.60 -16.20 18.05
C PHE A 164 9.12 -16.14 18.15
N SER A 165 9.76 -16.28 17.01
CA SER A 165 11.17 -16.00 16.80
C SER A 165 11.27 -14.97 15.66
N SER A 166 12.48 -14.77 15.14
CA SER A 166 12.70 -13.69 14.18
C SER A 166 11.93 -13.96 12.90
N ASP A 167 11.23 -12.92 12.42
CA ASP A 167 10.44 -12.98 11.19
C ASP A 167 9.48 -14.16 11.18
N ASP A 168 8.85 -14.42 12.33
CA ASP A 168 8.10 -15.64 12.64
C ASP A 168 7.17 -15.38 13.81
N PRO A 169 6.16 -14.54 13.64
CA PRO A 169 5.34 -14.16 14.80
C PRO A 169 3.97 -14.81 14.81
N ASN A 170 3.79 -15.87 14.03
CA ASN A 170 2.51 -16.56 13.95
C ASN A 170 2.57 -17.95 14.53
N GLY A 171 3.66 -18.29 15.22
CA GLY A 171 3.72 -19.56 15.92
C GLY A 171 2.72 -19.61 17.06
N ARG A 172 2.43 -20.82 17.50
CA ARG A 172 1.43 -21.01 18.54
C ARG A 172 1.97 -21.97 19.59
N LEU A 173 1.50 -21.77 20.82
CA LEU A 173 1.93 -22.54 21.97
C LEU A 173 0.71 -23.00 22.76
N HIS A 174 0.66 -24.29 23.06
CA HIS A 174 -0.30 -24.82 24.02
C HIS A 174 0.46 -25.64 25.07
N TYR A 175 0.20 -25.32 26.34
CA TYR A 175 0.99 -25.81 27.45
C TYR A 175 0.06 -26.03 28.63
N SER A 176 -0.09 -27.28 29.03
CA SER A 176 -1.00 -27.60 30.12
C SER A 176 -0.27 -28.46 31.13
N ILE A 177 -0.52 -28.17 32.41
CA ILE A 177 -0.03 -28.96 33.55
C ILE A 177 -1.00 -28.76 34.70
N ASP A 178 -1.09 -29.77 35.57
CA ASP A 178 -1.75 -29.55 36.84
C ASP A 178 -0.72 -29.40 37.97
N PHE A 179 -1.09 -28.55 38.94
CA PHE A 179 -0.17 -28.16 39.98
C PHE A 179 0.07 -29.28 40.97
N THR A 180 -0.93 -30.16 41.16
CA THR A 180 -0.82 -31.17 42.20
C THR A 180 0.18 -32.25 41.81
N LYS A 181 0.18 -32.67 40.55
CA LYS A 181 1.31 -33.49 40.09
C LYS A 181 2.58 -32.66 40.03
N LYS A 182 2.45 -31.35 39.76
CA LYS A 182 3.56 -30.40 39.64
C LYS A 182 4.47 -30.76 38.47
N GLN A 183 3.88 -31.15 37.33
CA GLN A 183 4.62 -31.71 36.22
C GLN A 183 4.84 -30.68 35.11
N GLY A 184 5.35 -31.07 33.97
CA GLY A 184 5.55 -30.10 32.92
C GLY A 184 5.52 -30.74 31.57
N TYR A 185 4.64 -30.25 30.70
CA TYR A 185 4.52 -30.76 29.33
C TYR A 185 3.62 -29.92 28.39
N GLY A 186 4.20 -29.42 27.30
CA GLY A 186 3.49 -28.66 26.30
C GLY A 186 4.17 -28.76 24.96
N ARG A 187 3.66 -27.97 24.01
CA ARG A 187 3.95 -28.15 22.60
C ARG A 187 4.10 -26.81 21.89
N ILE A 188 4.97 -26.75 20.90
CA ILE A 188 5.11 -25.58 20.06
C ILE A 188 4.98 -26.06 18.60
N GLU A 189 4.13 -25.40 17.85
CA GLU A 189 3.79 -25.73 16.47
C GLU A 189 3.72 -24.42 15.71
N HIS A 190 3.41 -24.51 14.42
CA HIS A 190 3.00 -23.37 13.58
C HIS A 190 4.10 -22.35 13.36
N LEU A 191 5.35 -22.69 13.64
CA LEU A 191 6.41 -21.80 13.23
C LEU A 191 6.79 -22.14 11.81
N LYS A 192 7.42 -21.26 11.09
CA LYS A 192 7.78 -21.51 9.74
C LYS A 192 9.07 -22.22 9.59
N THR A 193 9.67 -22.49 10.69
CA THR A 193 11.00 -23.09 10.67
C THR A 193 11.14 -24.59 10.95
N LEU A 194 10.41 -25.10 11.91
CA LEU A 194 10.43 -26.52 12.15
C LEU A 194 9.06 -26.96 12.52
N GLU A 195 8.64 -26.42 13.64
CA GLU A 195 7.36 -26.59 14.23
C GLU A 195 7.39 -25.91 15.59
N VAL A 198 8.72 -27.85 18.37
CA VAL A 198 9.50 -28.29 19.52
C VAL A 198 8.61 -28.87 20.61
N GLU A 199 9.15 -29.78 21.40
CA GLU A 199 8.40 -30.41 22.48
C GLU A 199 8.84 -29.88 23.83
N LEU A 200 7.88 -29.39 24.61
CA LEU A 200 8.17 -28.84 25.94
C LEU A 200 7.83 -29.93 26.96
N ALA A 201 8.86 -30.66 27.42
CA ALA A 201 8.69 -31.98 28.03
C ALA A 201 9.16 -32.03 29.48
N ALA A 202 8.51 -32.92 30.24
CA ALA A 202 9.02 -33.53 31.48
C ALA A 202 9.69 -32.52 32.41
N ALA A 203 8.91 -31.54 32.85
CA ALA A 203 9.43 -30.38 33.55
C ALA A 203 8.80 -30.23 34.93
N GLU A 204 9.62 -29.97 35.95
CA GLU A 204 9.09 -29.79 37.31
C GLU A 204 8.74 -28.33 37.58
N LEU A 205 7.54 -28.10 38.11
CA LEU A 205 7.18 -26.80 38.65
C LEU A 205 7.99 -26.55 39.92
N LYS A 206 8.94 -25.60 39.85
CA LYS A 206 9.86 -25.29 40.95
C LYS A 206 9.58 -23.90 41.51
N ALA A 207 10.58 -23.32 42.18
CA ALA A 207 10.46 -22.00 42.77
C ALA A 207 11.82 -21.32 42.67
N ASP A 208 11.88 -20.23 41.93
CA ASP A 208 13.13 -19.51 41.79
C ASP A 208 13.42 -18.72 43.07
N GLU A 209 14.55 -18.03 43.06
CA GLU A 209 15.01 -17.33 44.25
C GLU A 209 14.02 -16.28 44.72
N LYS A 210 13.26 -15.69 43.79
CA LYS A 210 12.26 -14.68 44.12
C LYS A 210 10.97 -15.27 44.67
N SER A 211 11.00 -16.55 45.07
CA SER A 211 9.86 -17.27 45.62
C SER A 211 8.73 -17.48 44.62
N HIS A 212 9.03 -17.34 43.32
CA HIS A 212 8.03 -17.27 42.26
C HIS A 212 7.83 -18.63 41.58
N ALA A 213 6.63 -18.80 41.03
CA ALA A 213 6.30 -20.02 40.29
C ALA A 213 6.99 -19.99 38.93
N VAL A 214 7.75 -21.04 38.63
CA VAL A 214 8.70 -21.02 37.53
C VAL A 214 8.99 -22.44 37.07
N ILE A 215 8.59 -22.77 35.83
CA ILE A 215 8.86 -24.11 35.28
C ILE A 215 10.17 -24.07 34.51
N LEU A 216 10.81 -25.23 34.41
CA LEU A 216 12.04 -25.37 33.67
C LEU A 216 12.04 -26.77 33.10
N GLY A 217 12.40 -26.91 31.82
CA GLY A 217 12.40 -28.22 31.18
C GLY A 217 13.36 -28.29 30.01
N ASP A 218 13.47 -29.47 29.45
CA ASP A 218 14.26 -29.74 28.26
C ASP A 218 13.40 -29.62 26.98
N THR A 219 13.92 -29.82 25.78
CA THR A 219 12.99 -29.75 24.64
C THR A 219 13.41 -30.42 23.34
N ARG A 220 12.64 -31.40 22.93
CA ARG A 220 12.90 -32.14 21.71
C ARG A 220 11.61 -32.36 20.94
N TYR A 221 11.78 -32.89 19.74
CA TYR A 221 10.67 -33.17 18.87
C TYR A 221 9.37 -33.32 19.67
N LYS A 226 15.20 -28.45 20.75
CA LYS A 226 16.29 -29.42 20.80
C LYS A 226 17.29 -29.07 21.93
N GLY A 227 17.00 -27.99 22.65
CA GLY A 227 17.79 -27.58 23.79
C GLY A 227 17.03 -27.65 25.11
N THR A 228 16.72 -26.50 25.69
CA THR A 228 16.01 -26.38 26.97
C THR A 228 14.87 -25.39 26.81
N TYR A 229 14.12 -25.18 27.90
CA TYR A 229 13.15 -24.09 27.95
C TYR A 229 12.91 -23.72 29.41
N HIS A 230 12.15 -22.64 29.61
CA HIS A 230 11.84 -22.11 30.93
C HIS A 230 10.54 -21.33 30.86
N LEU A 231 9.58 -21.70 31.68
CA LEU A 231 8.35 -20.94 31.78
C LEU A 231 8.36 -20.22 33.11
N ALA A 232 7.42 -19.29 33.24
CA ALA A 232 7.19 -18.48 34.42
C ALA A 232 5.69 -18.24 34.48
N LEU A 233 5.10 -18.30 35.68
CA LEU A 233 3.67 -18.16 35.79
C LEU A 233 3.33 -16.80 36.39
N PHE A 234 2.23 -16.23 35.93
CA PHE A 234 1.87 -14.87 36.28
C PHE A 234 0.38 -14.80 36.51
N GLY A 235 -0.04 -13.76 37.21
CA GLY A 235 -1.45 -13.58 37.36
C GLY A 235 -1.92 -13.95 38.76
N ASP A 236 -2.98 -13.26 39.20
CA ASP A 236 -3.61 -13.56 40.47
C ASP A 236 -3.77 -15.07 40.72
N ARG A 237 -4.28 -15.79 39.73
CA ARG A 237 -4.62 -17.20 39.86
C ARG A 237 -3.74 -18.11 39.00
N ALA A 238 -2.62 -17.59 38.48
CA ALA A 238 -1.78 -18.24 37.47
C ALA A 238 -2.52 -18.34 36.13
N GLN A 239 -3.24 -17.28 35.78
CA GLN A 239 -4.03 -17.28 34.56
C GLN A 239 -3.16 -17.32 33.31
N GLU A 240 -1.89 -16.92 33.40
CA GLU A 240 -1.03 -16.73 32.24
C GLU A 240 0.33 -17.35 32.49
N ILE A 241 1.03 -17.62 31.39
CA ILE A 241 2.43 -17.96 31.39
C ILE A 241 3.14 -17.10 30.35
N ALA A 242 4.47 -17.12 30.42
CA ALA A 242 5.35 -16.33 29.57
C ALA A 242 6.79 -16.69 29.91
N GLY A 243 7.60 -16.87 28.88
CA GLY A 243 8.90 -17.44 29.06
C GLY A 243 9.61 -17.54 27.73
N SER A 244 10.47 -18.54 27.57
CA SER A 244 11.30 -18.60 26.38
C SER A 244 11.86 -20.00 26.23
N ALA A 245 12.06 -20.41 24.98
CA ALA A 245 12.57 -21.72 24.65
C ALA A 245 13.71 -21.60 23.67
N THR A 246 14.63 -22.55 23.72
CA THR A 246 15.75 -22.59 22.78
C THR A 246 15.67 -23.88 21.98
N VAL A 247 16.10 -23.80 20.72
CA VAL A 247 16.15 -24.97 19.84
C VAL A 247 17.53 -25.03 19.22
N LYS A 248 18.26 -26.11 19.47
CA LYS A 248 19.55 -26.33 18.83
C LYS A 248 19.33 -26.89 17.44
N ILE A 249 19.73 -26.15 16.42
CA ILE A 249 19.74 -26.63 15.04
C ILE A 249 21.15 -26.45 14.52
N GLY A 250 21.81 -27.55 14.19
CA GLY A 250 23.21 -27.53 13.82
C GLY A 250 24.08 -26.82 14.84
N GLU A 251 24.57 -25.63 14.48
CA GLU A 251 25.36 -24.81 15.38
C GLU A 251 24.64 -23.56 15.85
N LYS A 252 23.54 -23.18 15.20
CA LYS A 252 22.79 -21.99 15.59
C LYS A 252 21.66 -22.38 16.53
N VAL A 253 21.50 -21.61 17.60
CA VAL A 253 20.46 -21.83 18.62
C VAL A 253 19.40 -20.77 18.42
N HIS A 254 18.17 -21.19 18.14
CA HIS A 254 17.07 -20.26 17.90
C HIS A 254 16.32 -20.06 19.21
N GLU A 255 16.37 -18.85 19.75
CA GLU A 255 15.53 -18.51 20.87
C GLU A 255 14.10 -18.24 20.41
N ILE A 256 13.13 -18.77 21.15
CA ILE A 256 11.72 -18.51 20.94
C ILE A 256 11.14 -17.93 22.22
N GLY A 257 10.27 -16.94 22.08
CA GLY A 257 9.57 -16.38 23.23
C GLY A 257 8.12 -16.78 23.22
N ILE A 258 7.67 -17.45 24.29
CA ILE A 258 6.32 -18.01 24.36
C ILE A 258 5.53 -17.32 25.47
N ALA A 259 4.21 -17.28 25.29
CA ALA A 259 3.31 -16.75 26.31
C ALA A 259 1.89 -17.21 26.00
N GLY A 260 1.11 -17.45 27.06
CA GLY A 260 -0.25 -17.92 26.91
C GLY A 260 -1.07 -17.75 28.17
N LYS A 261 -2.40 -17.82 28.01
CA LYS A 261 -3.36 -17.68 29.09
C LYS A 261 -4.27 -18.90 29.17
N GLN A 262 -5.04 -18.97 30.26
CA GLN A 262 -5.95 -20.08 30.48
C GLN A 262 -7.38 -19.70 30.12
N LYS A 263 -8.01 -20.70 29.52
CA LYS A 263 -9.37 -20.70 29.12
C LYS A 263 -9.63 -21.92 28.23
N GLU B 1 -7.59 7.59 11.48
CA GLU B 1 -8.07 8.58 10.53
C GLU B 1 -7.00 9.65 10.21
N VAL B 2 -5.92 9.21 9.57
CA VAL B 2 -4.87 10.09 9.08
C VAL B 2 -4.85 9.96 7.55
N GLN B 3 -4.52 11.06 6.87
CA GLN B 3 -4.59 11.10 5.41
C GLN B 3 -3.41 11.89 4.84
N LEU B 4 -2.45 11.21 4.26
CA LEU B 4 -1.38 11.92 3.58
C LEU B 4 -1.90 12.57 2.30
N VAL B 5 -1.33 13.71 1.96
CA VAL B 5 -1.73 14.49 0.80
C VAL B 5 -0.49 15.13 0.21
N GLN B 6 -0.40 15.06 -1.12
CA GLN B 6 0.85 15.19 -1.85
C GLN B 6 0.86 16.45 -2.71
N SER B 7 2.07 16.80 -3.15
CA SER B 7 2.43 18.11 -3.64
C SER B 7 1.81 18.47 -4.99
N GLY B 8 1.18 17.55 -5.71
CA GLY B 8 0.55 18.00 -6.94
C GLY B 8 1.38 17.88 -8.22
N ALA B 9 0.72 17.59 -9.35
CA ALA B 9 1.36 17.12 -10.58
C ALA B 9 2.52 18.00 -11.07
N GLU B 10 3.44 17.40 -11.85
CA GLU B 10 4.69 18.02 -12.24
C GLU B 10 5.05 17.66 -13.68
N VAL B 11 5.72 18.60 -14.36
CA VAL B 11 6.28 18.38 -15.69
C VAL B 11 7.74 18.82 -15.64
N LYS B 12 8.61 18.03 -16.25
CA LYS B 12 10.04 18.31 -16.14
C LYS B 12 10.74 18.01 -17.45
N LYS B 13 11.67 18.90 -17.82
CA LYS B 13 12.64 18.60 -18.84
C LYS B 13 13.62 17.55 -18.32
N PRO B 14 14.11 16.72 -19.21
CA PRO B 14 15.14 15.77 -18.78
C PRO B 14 16.34 16.53 -18.18
N GLY B 15 16.94 15.93 -17.16
CA GLY B 15 18.07 16.56 -16.52
C GLY B 15 17.71 17.68 -15.59
N SER B 16 16.44 17.93 -15.41
CA SER B 16 15.98 18.80 -14.35
C SER B 16 15.82 17.95 -13.10
N SER B 17 15.20 18.51 -12.07
CA SER B 17 14.92 17.76 -10.85
C SER B 17 13.47 17.99 -10.45
N VAL B 18 13.02 17.26 -9.44
CA VAL B 18 11.67 17.42 -8.89
C VAL B 18 11.69 17.22 -7.38
N LYS B 19 10.89 18.03 -6.67
CA LYS B 19 10.66 17.89 -5.24
C LYS B 19 9.18 17.65 -5.00
N VAL B 20 8.85 16.52 -4.37
CA VAL B 20 7.49 16.08 -4.13
C VAL B 20 7.27 16.10 -2.63
N SER B 21 6.19 16.75 -2.21
CA SER B 21 5.95 16.99 -0.80
C SER B 21 4.69 16.27 -0.36
N CYS B 22 4.72 15.85 0.90
CA CYS B 22 3.70 15.02 1.50
C CYS B 22 3.43 15.56 2.90
N LYS B 23 2.17 15.76 3.25
CA LYS B 23 1.82 16.13 4.62
C LYS B 23 0.58 15.35 5.03
N ALA B 24 0.38 15.20 6.35
CA ALA B 24 -0.73 14.44 6.87
C ALA B 24 -1.82 15.35 7.43
N SER B 25 -3.06 14.90 7.32
CA SER B 25 -4.21 15.76 7.65
C SER B 25 -4.63 15.59 9.11
N GLY B 26 -4.92 14.35 9.51
CA GLY B 26 -5.34 14.11 10.87
C GLY B 26 -4.19 13.72 11.76
N GLY B 27 -2.98 14.10 11.34
CA GLY B 27 -1.78 13.67 12.01
C GLY B 27 -0.56 14.39 11.47
N THR B 28 0.60 13.77 11.65
CA THR B 28 1.83 14.35 11.13
C THR B 28 2.69 13.28 10.48
N VAL B 29 3.52 13.72 9.52
CA VAL B 29 4.54 12.87 8.93
C VAL B 29 5.87 12.92 9.68
N ILE B 30 5.99 13.79 10.68
CA ILE B 30 7.31 14.08 11.26
C ILE B 30 7.65 13.00 12.28
N ASP B 31 8.92 12.57 12.26
CA ASP B 31 9.44 11.52 13.13
C ASP B 31 8.82 10.16 12.85
N TYR B 32 8.09 10.02 11.73
CA TYR B 32 7.48 8.82 11.17
C TYR B 32 8.33 8.29 10.03
N PRO B 33 8.57 6.98 9.93
CA PRO B 33 9.17 6.44 8.72
C PRO B 33 8.28 6.75 7.53
N ILE B 34 8.68 7.77 6.77
CA ILE B 34 8.06 8.09 5.49
C ILE B 34 8.84 7.30 4.45
N THR B 35 8.18 6.91 3.37
CA THR B 35 8.74 6.07 2.34
C THR B 35 8.20 6.50 0.99
N TRP B 36 9.03 6.48 -0.05
CA TRP B 36 8.57 6.89 -1.37
C TRP B 36 8.59 5.70 -2.32
N VAL B 37 7.42 5.43 -2.92
CA VAL B 37 7.25 4.35 -3.87
C VAL B 37 6.75 4.95 -5.17
N ARG B 38 7.31 4.52 -6.30
CA ARG B 38 6.84 5.05 -7.57
C ARG B 38 6.23 3.93 -8.40
N GLN B 39 5.46 4.36 -9.40
CA GLN B 39 4.79 3.43 -10.32
C GLN B 39 4.79 4.07 -11.69
N ALA B 40 5.47 3.46 -12.60
CA ALA B 40 5.61 3.97 -13.96
C ALA B 40 4.54 3.34 -14.85
N PRO B 41 4.20 4.00 -15.96
CA PRO B 41 3.07 3.52 -16.77
C PRO B 41 3.29 2.08 -17.22
N GLY B 42 2.26 1.26 -17.06
CA GLY B 42 2.35 -0.13 -17.44
C GLY B 42 3.16 -1.01 -16.53
N GLN B 43 3.80 -0.45 -15.50
CA GLN B 43 4.47 -1.28 -14.53
C GLN B 43 3.73 -1.18 -13.19
N GLY B 44 4.43 -1.52 -12.11
CA GLY B 44 3.84 -1.56 -10.78
C GLY B 44 4.72 -0.86 -9.76
N LEU B 45 4.62 -1.33 -8.53
CA LEU B 45 5.20 -0.63 -7.40
C LEU B 45 6.71 -0.82 -7.35
N GLU B 46 7.44 0.28 -7.16
CA GLU B 46 8.89 0.26 -7.06
C GLU B 46 9.35 1.18 -5.94
N TRP B 47 10.28 0.68 -5.11
CA TRP B 47 10.81 1.46 -4.00
C TRP B 47 11.85 2.48 -4.47
N VAL B 48 11.82 3.67 -3.89
CA VAL B 48 12.83 4.69 -4.10
C VAL B 48 13.78 4.82 -2.91
N GLY B 49 13.24 4.79 -1.71
CA GLY B 49 13.97 5.15 -0.51
C GLY B 49 12.99 5.66 0.52
N GLY B 50 13.52 5.86 1.72
CA GLY B 50 12.71 6.24 2.85
C GLY B 50 13.50 6.74 4.04
N PHE B 51 12.86 7.59 4.81
CA PHE B 51 13.45 8.11 6.04
C PHE B 51 13.34 7.07 7.15
N VAL B 52 14.45 6.84 7.86
CA VAL B 52 14.44 6.10 9.12
C VAL B 52 14.75 7.10 10.25
N PRO B 53 13.79 7.34 11.15
CA PRO B 53 13.97 8.41 12.15
C PRO B 53 15.05 8.11 13.17
N LEU B 54 15.23 6.87 13.52
CA LEU B 54 16.20 6.55 14.52
C LEU B 54 17.61 6.72 14.20
N PHE B 55 17.98 6.43 12.97
CA PHE B 55 19.35 6.59 12.49
C PHE B 55 19.45 7.99 11.88
N ARG B 56 18.39 8.73 11.99
CA ARG B 56 18.29 10.05 11.50
C ARG B 56 18.81 10.14 10.10
N THR B 57 18.29 9.32 9.24
CA THR B 57 18.79 9.39 7.87
C THR B 57 17.76 8.79 6.92
N SER B 58 18.15 8.57 5.67
CA SER B 58 17.29 7.90 4.69
C SER B 58 18.06 6.78 4.03
N ASN B 59 17.32 5.75 3.64
CA ASN B 59 17.82 4.69 2.79
C ASN B 59 17.28 4.88 1.38
N TYR B 60 18.01 4.41 0.39
CA TYR B 60 17.53 4.61 -0.96
C TYR B 60 17.75 3.36 -1.79
N GLY B 61 16.87 3.16 -2.76
CA GLY B 61 17.05 2.04 -3.65
C GLY B 61 18.30 2.26 -4.49
N GLN B 62 19.01 1.16 -4.77
CA GLN B 62 20.27 1.24 -5.49
C GLN B 62 20.13 1.91 -6.84
N LYS B 63 18.90 2.10 -7.33
CA LYS B 63 18.68 2.68 -8.64
C LYS B 63 18.67 4.20 -8.62
N PHE B 64 18.54 4.80 -7.43
CA PHE B 64 18.43 6.24 -7.29
C PHE B 64 19.48 6.82 -6.37
N GLN B 65 20.22 5.97 -5.66
CA GLN B 65 21.27 6.43 -4.78
C GLN B 65 22.29 7.26 -5.56
N GLY B 66 22.53 8.48 -5.09
CA GLY B 66 23.34 9.40 -5.85
C GLY B 66 22.56 10.59 -6.40
N ARG B 67 21.32 10.35 -6.87
CA ARG B 67 20.56 11.45 -7.44
C ARG B 67 19.23 11.68 -6.73
N VAL B 68 19.04 11.13 -5.52
CA VAL B 68 17.81 11.35 -4.77
C VAL B 68 18.10 11.73 -3.31
N THR B 69 17.21 12.57 -2.76
CA THR B 69 17.27 12.96 -1.35
C THR B 69 15.88 12.91 -0.74
N ILE B 70 15.70 12.07 0.26
CA ILE B 70 14.42 11.96 0.96
C ILE B 70 14.59 12.61 2.32
N THR B 71 13.91 13.73 2.52
CA THR B 71 14.10 14.55 3.71
C THR B 71 12.74 14.94 4.27
N ALA B 72 12.77 15.72 5.35
CA ALA B 72 11.57 16.22 5.99
C ALA B 72 11.92 17.55 6.65
N ASP B 73 10.95 18.45 6.73
CA ASP B 73 11.16 19.74 7.38
C ASP B 73 10.02 20.08 8.34
N LYS B 74 10.30 19.91 9.62
CA LYS B 74 9.33 20.17 10.67
C LYS B 74 8.87 21.62 10.78
N SER B 75 9.30 22.54 10.00
CA SER B 75 8.74 23.83 10.18
C SER B 75 7.45 23.95 9.35
N THR B 76 7.51 23.37 8.18
CA THR B 76 6.47 23.34 7.19
C THR B 76 5.65 22.15 7.44
N SER B 77 6.08 21.39 8.37
CA SER B 77 5.39 20.12 8.61
C SER B 77 5.14 19.35 7.32
N THR B 78 6.21 18.92 6.66
CA THR B 78 6.09 18.17 5.41
C THR B 78 7.33 17.36 5.09
N ALA B 79 7.10 16.17 4.55
CA ALA B 79 8.16 15.35 4.00
C ALA B 79 8.33 15.65 2.51
N SER B 80 9.51 15.35 2.01
CA SER B 80 9.85 15.71 0.65
C SER B 80 10.77 14.65 0.08
N MET B 81 10.57 14.33 -1.20
CA MET B 81 11.51 13.57 -2.01
C MET B 81 12.02 14.46 -3.13
N GLU B 82 13.31 14.39 -3.42
CA GLU B 82 13.90 15.26 -4.43
C GLU B 82 14.77 14.40 -5.33
N LEU B 83 14.37 14.32 -6.60
CA LEU B 83 14.98 13.41 -7.57
C LEU B 83 15.56 14.24 -8.69
N ASN B 84 16.88 14.22 -8.79
CA ASN B 84 17.62 15.05 -9.71
C ASN B 84 18.02 14.25 -10.95
N SER B 85 18.51 14.98 -11.94
CA SER B 85 18.91 14.42 -13.23
C SER B 85 17.82 13.50 -13.79
N LEU B 86 16.60 14.03 -13.95
CA LEU B 86 15.52 13.28 -14.47
C LEU B 86 15.62 12.83 -15.91
N THR B 87 15.02 11.68 -16.18
CA THR B 87 15.02 11.09 -17.51
C THR B 87 13.56 10.73 -17.79
N SER B 88 13.21 10.34 -19.01
CA SER B 88 11.80 10.07 -19.24
C SER B 88 11.50 8.78 -18.49
N GLU B 89 12.51 8.01 -18.11
CA GLU B 89 12.27 6.81 -17.32
C GLU B 89 11.81 7.13 -15.92
N ASP B 90 11.87 8.38 -15.51
CA ASP B 90 11.41 8.78 -14.21
C ASP B 90 9.93 9.19 -14.19
N THR B 91 9.29 9.27 -15.37
CA THR B 91 7.86 9.50 -15.44
C THR B 91 7.09 8.45 -14.67
N ALA B 92 6.25 8.87 -13.75
CA ALA B 92 5.66 7.89 -12.85
C ALA B 92 4.71 8.63 -11.93
N ILE B 93 3.89 7.86 -11.22
CA ILE B 93 3.19 8.33 -10.03
C ILE B 93 4.09 8.08 -8.83
N TYR B 94 4.22 9.08 -7.96
CA TYR B 94 5.01 8.97 -6.74
C TYR B 94 4.05 9.02 -5.56
N TYR B 95 4.08 7.97 -4.75
CA TYR B 95 3.30 7.88 -3.54
C TYR B 95 4.25 8.04 -2.34
N CYS B 96 3.83 8.85 -1.36
CA CYS B 96 4.42 8.77 -0.02
C CYS B 96 3.62 7.80 0.85
N ALA B 97 4.33 7.01 1.64
CA ALA B 97 3.75 5.97 2.46
C ALA B 97 4.31 6.09 3.87
N ARG B 98 3.43 6.15 4.87
CA ARG B 98 3.86 6.21 6.24
C ARG B 98 3.76 4.83 6.87
N GLY B 99 4.76 4.47 7.67
CA GLY B 99 4.69 3.28 8.49
C GLY B 99 5.24 3.57 9.87
N ASP B 100 4.75 2.81 10.85
CA ASP B 100 5.09 3.08 12.25
C ASP B 100 6.51 2.64 12.60
N THR B 101 7.06 1.67 11.87
CA THR B 101 8.40 1.17 12.11
C THR B 101 9.15 1.08 10.78
N ALA B 102 10.48 1.26 10.85
CA ALA B 102 11.33 1.21 9.66
C ALA B 102 11.16 -0.07 8.86
N MET B 103 10.73 -1.15 9.52
CA MET B 103 10.43 -2.39 8.83
C MET B 103 8.95 -2.71 8.88
N GLY B 104 8.12 -1.75 9.27
CA GLY B 104 6.70 -1.98 9.35
C GLY B 104 6.02 -1.67 8.04
N PRO B 105 5.00 -2.46 7.73
CA PRO B 105 4.24 -2.29 6.48
C PRO B 105 3.59 -0.90 6.37
N PHE B 106 3.59 -0.36 5.16
CA PHE B 106 2.99 0.95 4.91
C PHE B 106 1.47 0.85 5.05
N ASP B 107 0.94 1.38 6.15
CA ASP B 107 -0.49 1.35 6.41
C ASP B 107 -1.22 2.58 5.89
N TYR B 108 -0.53 3.72 5.71
CA TYR B 108 -1.12 4.94 5.14
C TYR B 108 -0.38 5.38 3.88
N TRP B 109 -1.13 5.85 2.88
CA TRP B 109 -0.56 6.25 1.60
C TRP B 109 -1.13 7.59 1.17
N GLY B 110 -0.30 8.39 0.50
CA GLY B 110 -0.78 9.57 -0.20
C GLY B 110 -1.47 9.18 -1.49
N GLN B 111 -2.05 10.17 -2.16
CA GLN B 111 -2.85 9.92 -3.36
C GLN B 111 -2.03 9.84 -4.65
N GLY B 112 -0.71 9.95 -4.55
CA GLY B 112 0.16 9.97 -5.72
C GLY B 112 0.37 11.37 -6.29
N THR B 113 1.50 11.54 -6.95
CA THR B 113 1.84 12.74 -7.69
C THR B 113 2.34 12.30 -9.05
N LEU B 114 1.66 12.70 -10.12
CA LEU B 114 2.12 12.37 -11.46
C LEU B 114 3.26 13.30 -11.85
N VAL B 115 4.44 12.74 -12.07
CA VAL B 115 5.59 13.48 -12.56
C VAL B 115 5.88 12.99 -13.96
N THR B 116 5.81 13.89 -14.92
CA THR B 116 6.05 13.57 -16.31
C THR B 116 7.36 14.23 -16.72
N VAL B 117 8.36 13.42 -17.04
CA VAL B 117 9.64 13.92 -17.57
C VAL B 117 9.63 13.72 -19.06
N SER B 118 9.84 14.81 -19.80
CA SER B 118 9.89 14.74 -21.26
C SER B 118 10.61 15.97 -21.78
N SER B 119 11.19 15.81 -22.96
CA SER B 119 11.79 16.95 -23.63
C SER B 119 10.81 17.68 -24.54
N ALA B 120 9.67 17.08 -24.86
CA ALA B 120 8.67 17.77 -25.66
C ALA B 120 8.13 18.97 -24.91
N SER B 121 7.57 19.90 -25.66
CA SER B 121 7.11 21.15 -25.07
C SER B 121 5.76 20.96 -24.37
N THR B 122 5.61 21.66 -23.25
CA THR B 122 4.31 21.77 -22.61
C THR B 122 3.37 22.54 -23.51
N LYS B 123 2.16 22.01 -23.70
CA LYS B 123 1.16 22.60 -24.58
C LYS B 123 -0.19 22.59 -23.86
N GLY B 124 -0.82 23.76 -23.75
CA GLY B 124 -2.15 23.84 -23.19
C GLY B 124 -3.20 23.38 -24.17
N PRO B 125 -4.39 23.09 -23.67
CA PRO B 125 -5.45 22.55 -24.53
C PRO B 125 -6.25 23.62 -25.23
N SER B 126 -6.84 23.21 -26.36
CA SER B 126 -7.94 23.91 -26.99
C SER B 126 -9.22 23.23 -26.54
N VAL B 127 -10.11 23.95 -25.88
CA VAL B 127 -11.34 23.38 -25.37
C VAL B 127 -12.48 23.74 -26.30
N PHE B 128 -13.13 22.73 -26.86
CA PHE B 128 -14.30 23.00 -27.69
C PHE B 128 -15.58 22.45 -27.06
N PRO B 129 -16.71 23.10 -27.31
CA PRO B 129 -17.99 22.58 -26.81
C PRO B 129 -18.50 21.48 -27.72
N LEU B 130 -19.19 20.52 -27.13
CA LEU B 130 -19.89 19.45 -27.84
C LEU B 130 -21.35 19.64 -27.46
N ALA B 131 -22.12 20.24 -28.37
CA ALA B 131 -23.51 20.59 -28.11
C ALA B 131 -24.35 19.33 -27.89
N PRO B 132 -25.38 19.43 -27.06
CA PRO B 132 -26.26 18.27 -26.83
C PRO B 132 -26.90 17.81 -28.13
N SER B 133 -27.10 16.47 -28.26
CA SER B 133 -27.68 15.81 -29.44
C SER B 133 -28.81 14.86 -29.10
N SER B 134 -28.67 14.05 -28.04
CA SER B 134 -29.70 13.11 -27.58
C SER B 134 -29.87 11.85 -28.44
N LYS B 135 -29.27 11.82 -29.64
CA LYS B 135 -29.14 10.62 -30.48
C LYS B 135 -29.11 9.32 -29.67
N SER B 136 -28.09 9.13 -28.82
CA SER B 136 -28.09 7.91 -27.99
CA SER B 136 -28.01 7.98 -27.93
C SER B 136 -29.05 8.06 -26.81
N GLY B 140 -32.86 6.73 -22.46
CA GLY B 140 -32.19 7.48 -23.52
C GLY B 140 -32.34 8.97 -23.28
N THR B 141 -31.24 9.60 -22.91
CA THR B 141 -31.18 11.00 -22.49
C THR B 141 -30.48 11.85 -23.56
N ALA B 142 -30.16 13.10 -23.21
CA ALA B 142 -29.30 13.96 -24.03
C ALA B 142 -27.88 13.90 -23.52
N ALA B 143 -26.91 14.16 -24.39
CA ALA B 143 -25.52 14.20 -23.98
C ALA B 143 -24.84 15.43 -24.56
N LEU B 144 -24.09 16.14 -23.71
CA LEU B 144 -23.32 17.28 -24.16
C LEU B 144 -21.96 17.19 -23.49
N GLY B 145 -20.94 17.86 -24.05
CA GLY B 145 -19.67 17.80 -23.36
C GLY B 145 -18.62 18.77 -23.86
N CYS B 146 -17.38 18.43 -23.54
CA CYS B 146 -16.21 19.25 -23.80
C CYS B 146 -15.10 18.40 -24.38
N LEU B 147 -14.64 18.77 -25.57
CA LEU B 147 -13.49 18.16 -26.19
C LEU B 147 -12.25 18.95 -25.82
N VAL B 148 -11.27 18.29 -25.20
CA VAL B 148 -10.08 18.93 -24.69
C VAL B 148 -8.92 18.44 -25.56
N LYS B 149 -8.57 19.23 -26.58
CA LYS B 149 -7.80 18.80 -27.74
C LYS B 149 -6.36 19.31 -27.68
N ASP B 150 -5.44 18.41 -28.06
CA ASP B 150 -4.02 18.65 -28.34
C ASP B 150 -3.32 19.35 -27.17
N TYR B 151 -3.22 18.63 -26.06
CA TYR B 151 -2.49 19.14 -24.92
C TYR B 151 -1.33 18.20 -24.61
N PHE B 152 -0.37 18.71 -23.80
CA PHE B 152 0.71 17.86 -23.34
C PHE B 152 1.41 18.49 -22.15
N PRO B 153 1.71 17.72 -21.10
CA PRO B 153 1.35 16.30 -21.03
C PRO B 153 0.19 16.12 -20.03
N GLU B 154 -0.18 14.89 -19.65
CA GLU B 154 -1.19 14.73 -18.61
C GLU B 154 -0.70 15.41 -17.33
N PRO B 155 -1.60 15.68 -16.38
CA PRO B 155 -3.06 15.48 -16.34
C PRO B 155 -3.90 16.70 -16.74
N VAL B 156 -5.12 16.50 -17.24
CA VAL B 156 -6.12 17.56 -17.37
C VAL B 156 -7.31 17.18 -16.50
N THR B 157 -7.65 18.03 -15.53
CA THR B 157 -8.86 17.80 -14.73
C THR B 157 -10.05 18.59 -15.27
N VAL B 158 -11.23 18.05 -15.06
CA VAL B 158 -12.45 18.60 -15.63
C VAL B 158 -13.57 18.47 -14.62
N SER B 159 -14.29 19.56 -14.40
CA SER B 159 -15.51 19.49 -13.61
C SER B 159 -16.55 20.31 -14.35
N TRP B 160 -17.75 20.36 -13.82
CA TRP B 160 -18.83 21.05 -14.48
C TRP B 160 -19.52 21.95 -13.47
N ASN B 161 -19.86 23.16 -13.93
CA ASN B 161 -20.55 24.13 -13.10
C ASN B 161 -19.82 24.27 -11.75
N SER B 162 -18.52 24.54 -11.87
CA SER B 162 -17.66 24.76 -10.71
C SER B 162 -17.85 23.67 -9.65
N GLY B 163 -17.95 22.42 -10.11
CA GLY B 163 -18.08 21.26 -9.25
C GLY B 163 -19.50 20.95 -8.81
N ALA B 164 -20.49 21.73 -9.23
CA ALA B 164 -21.85 21.50 -8.73
C ALA B 164 -22.56 20.43 -9.53
N LEU B 165 -22.33 20.38 -10.85
CA LEU B 165 -22.91 19.34 -11.68
C LEU B 165 -21.95 18.16 -11.65
N THR B 166 -22.34 17.10 -10.95
CA THR B 166 -21.51 15.90 -10.91
C THR B 166 -22.30 14.62 -11.13
N SER B 167 -23.62 14.69 -11.18
CA SER B 167 -24.48 13.57 -11.48
C SER B 167 -24.58 13.39 -13.00
N GLY B 168 -24.09 12.26 -13.50
CA GLY B 168 -24.26 11.93 -14.90
C GLY B 168 -23.11 12.32 -15.80
N VAL B 169 -21.96 12.61 -15.25
CA VAL B 169 -20.83 13.13 -15.97
C VAL B 169 -19.82 12.00 -16.09
N HIS B 170 -19.13 11.93 -17.24
CA HIS B 170 -18.11 10.91 -17.49
C HIS B 170 -16.98 11.57 -18.30
N THR B 171 -15.81 11.68 -17.70
CA THR B 171 -14.61 12.11 -18.41
C THR B 171 -13.84 10.87 -18.86
N PHE B 172 -13.70 10.72 -20.15
CA PHE B 172 -13.02 9.58 -20.71
C PHE B 172 -11.50 9.72 -20.59
N PRO B 173 -10.81 8.61 -20.46
CA PRO B 173 -9.34 8.64 -20.45
C PRO B 173 -8.79 9.25 -21.72
N ALA B 174 -7.62 9.87 -21.59
CA ALA B 174 -7.01 10.54 -22.74
C ALA B 174 -6.46 9.54 -23.74
N VAL B 175 -6.51 9.92 -25.01
CA VAL B 175 -5.78 9.26 -26.08
C VAL B 175 -4.45 9.97 -26.26
N LEU B 176 -3.37 9.22 -26.31
CA LEU B 176 -2.09 9.77 -26.73
C LEU B 176 -2.02 9.60 -28.24
N GLN B 177 -2.34 10.65 -28.97
CA GLN B 177 -2.41 10.56 -30.42
C GLN B 177 -1.00 10.52 -31.02
N SER B 178 -0.91 10.10 -32.28
CA SER B 178 0.38 9.81 -32.91
C SER B 178 1.27 11.04 -33.03
N SER B 179 0.70 12.24 -32.96
CA SER B 179 1.47 13.47 -32.99
C SER B 179 2.32 13.63 -31.74
N GLY B 180 1.94 12.98 -30.63
CA GLY B 180 2.52 13.22 -29.34
C GLY B 180 1.62 13.99 -28.40
N LEU B 181 0.46 14.44 -28.85
CA LEU B 181 -0.45 15.24 -28.04
C LEU B 181 -1.60 14.39 -27.49
N TYR B 182 -2.13 14.81 -26.34
CA TYR B 182 -3.29 14.17 -25.72
C TYR B 182 -4.60 14.87 -26.08
N SER B 183 -5.68 14.09 -26.14
CA SER B 183 -7.04 14.59 -26.23
C SER B 183 -7.92 13.76 -25.30
N LEU B 184 -8.87 14.42 -24.64
CA LEU B 184 -9.92 13.71 -23.91
C LEU B 184 -11.28 14.36 -24.19
N SER B 185 -12.33 13.74 -23.68
CA SER B 185 -13.66 14.32 -23.70
C SER B 185 -14.30 14.15 -22.33
N SER B 186 -14.97 15.17 -21.85
CA SER B 186 -15.85 15.02 -20.70
C SER B 186 -17.28 15.28 -21.13
N VAL B 187 -18.18 14.36 -20.80
CA VAL B 187 -19.53 14.41 -21.33
C VAL B 187 -20.52 14.22 -20.20
N VAL B 188 -21.66 14.91 -20.28
CA VAL B 188 -22.71 14.91 -19.27
C VAL B 188 -23.98 14.42 -19.94
N THR B 189 -24.56 13.36 -19.41
CA THR B 189 -25.90 12.95 -19.79
C THR B 189 -26.89 13.77 -18.96
N VAL B 190 -27.79 14.48 -19.64
CA VAL B 190 -28.74 15.41 -19.04
C VAL B 190 -30.14 15.06 -19.53
N PRO B 191 -31.18 15.54 -18.84
CA PRO B 191 -32.53 15.44 -19.41
C PRO B 191 -32.67 16.42 -20.57
N SER B 192 -33.24 15.91 -21.65
CA SER B 192 -33.44 16.70 -22.86
C SER B 192 -34.40 17.86 -22.66
N SER B 193 -35.29 17.78 -21.68
CA SER B 193 -36.31 18.81 -21.54
C SER B 193 -35.71 20.10 -20.99
N SER B 194 -34.98 19.99 -19.88
CA SER B 194 -34.38 21.14 -19.20
C SER B 194 -33.37 21.91 -20.07
N LEU B 195 -33.05 21.42 -21.27
CA LEU B 195 -32.06 22.10 -22.09
C LEU B 195 -32.34 23.59 -22.21
N GLY B 196 -33.61 23.96 -22.26
CA GLY B 196 -33.94 25.36 -22.48
C GLY B 196 -33.70 26.25 -21.29
N THR B 197 -33.44 25.66 -20.11
CA THR B 197 -33.36 26.44 -18.89
C THR B 197 -32.11 26.19 -18.04
N GLN B 198 -31.29 25.19 -18.35
CA GLN B 198 -30.09 24.92 -17.57
C GLN B 198 -28.88 25.39 -18.35
N THR B 199 -27.90 25.89 -17.63
CA THR B 199 -26.60 26.22 -18.19
C THR B 199 -25.61 25.13 -17.82
N TYR B 200 -24.59 24.96 -18.65
CA TYR B 200 -23.62 23.89 -18.46
C TYR B 200 -22.25 24.46 -18.81
N ILE B 201 -21.38 24.57 -17.82
CA ILE B 201 -20.02 25.07 -18.02
C ILE B 201 -19.06 23.97 -17.64
N CYS B 202 -18.13 23.66 -18.51
CA CYS B 202 -17.05 22.75 -18.14
C CYS B 202 -15.81 23.56 -17.76
N ASN B 203 -15.27 23.24 -16.60
CA ASN B 203 -14.07 23.87 -16.06
C ASN B 203 -12.91 22.92 -16.32
N VAL B 204 -12.03 23.32 -17.23
CA VAL B 204 -10.88 22.53 -17.62
C VAL B 204 -9.65 23.19 -17.03
N ASN B 205 -8.80 22.36 -16.43
CA ASN B 205 -7.64 22.82 -15.68
C ASN B 205 -6.45 21.99 -16.11
N HIS B 206 -5.49 22.63 -16.75
CA HIS B 206 -4.22 22.02 -17.14
C HIS B 206 -3.13 22.78 -16.39
N LYS B 207 -2.89 22.32 -15.16
CA LYS B 207 -1.78 22.84 -14.36
C LYS B 207 -0.44 22.77 -15.08
N PRO B 208 -0.08 21.69 -15.79
CA PRO B 208 1.22 21.70 -16.52
C PRO B 208 1.49 22.98 -17.29
N SER B 209 0.47 23.55 -17.94
CA SER B 209 0.62 24.75 -18.75
C SER B 209 0.07 25.99 -18.08
N ASN B 210 -0.33 25.89 -16.80
CA ASN B 210 -1.16 26.88 -16.12
C ASN B 210 -2.22 27.43 -17.05
N THR B 211 -3.16 26.59 -17.44
CA THR B 211 -4.24 27.00 -18.31
C THR B 211 -5.55 26.66 -17.61
N LYS B 212 -6.47 27.60 -17.66
CA LYS B 212 -7.76 27.40 -17.06
C LYS B 212 -8.78 27.89 -18.07
N VAL B 213 -9.73 27.03 -18.41
CA VAL B 213 -10.76 27.36 -19.40
C VAL B 213 -12.12 26.97 -18.85
N ASP B 214 -13.03 27.94 -18.74
CA ASP B 214 -14.43 27.65 -18.54
C ASP B 214 -15.14 27.82 -19.87
N LYS B 215 -15.83 26.78 -20.31
CA LYS B 215 -16.48 26.74 -21.62
C LYS B 215 -17.97 26.51 -21.43
N ARG B 216 -18.79 27.43 -21.95
CA ARG B 216 -20.23 27.18 -22.02
C ARG B 216 -20.54 26.20 -23.13
N VAL B 217 -21.49 25.30 -22.87
CA VAL B 217 -22.01 24.38 -23.87
C VAL B 217 -23.50 24.65 -24.01
N GLU B 218 -23.88 25.45 -25.00
CA GLU B 218 -25.21 25.83 -25.43
C GLU B 218 -25.73 24.90 -26.52
N PRO B 219 -27.03 24.72 -26.64
CA PRO B 219 -27.58 23.81 -27.65
C PRO B 219 -27.43 24.34 -29.07
N LYS B 220 -27.33 23.41 -30.02
CA LYS B 220 -27.21 23.75 -31.44
C LYS B 220 -28.29 24.73 -31.88
N SER B 221 -27.87 25.81 -32.56
CA SER B 221 -28.78 26.84 -33.05
C SER B 221 -29.84 26.28 -33.99
N CYS B 222 -29.44 25.89 -35.20
CA CYS B 222 -30.35 25.24 -36.16
C CYS B 222 -31.53 26.14 -36.55
N SER C 3 12.43 -14.21 -0.57
CA SER C 3 13.54 -13.40 -0.25
C SER C 3 13.52 -12.14 -1.04
N TYR C 4 14.74 -11.80 -1.45
CA TYR C 4 15.07 -10.65 -2.24
C TYR C 4 14.34 -10.67 -3.55
N VAL C 5 14.15 -11.83 -4.19
CA VAL C 5 13.44 -11.59 -5.40
C VAL C 5 12.02 -12.08 -5.06
N LEU C 6 10.99 -11.31 -5.30
CA LEU C 6 9.66 -11.87 -5.10
C LEU C 6 9.04 -12.19 -6.45
N THR C 7 8.58 -13.43 -6.62
CA THR C 7 7.95 -13.86 -7.86
C THR C 7 6.45 -13.98 -7.67
N GLN C 8 5.72 -13.04 -8.23
CA GLN C 8 4.26 -13.06 -8.33
C GLN C 8 3.84 -13.41 -9.75
N PRO C 9 2.92 -14.34 -9.96
CA PRO C 9 2.42 -14.54 -11.34
C PRO C 9 1.76 -13.27 -11.82
N PRO C 10 1.82 -12.95 -13.07
CA PRO C 10 1.24 -11.68 -13.40
C PRO C 10 -0.22 -11.68 -13.46
N SER C 11 -0.85 -12.82 -13.46
CA SER C 11 -2.25 -12.86 -13.56
C SER C 11 -2.90 -14.05 -13.01
N LEU C 12 -3.99 -13.86 -12.30
CA LEU C 12 -4.77 -14.97 -11.79
C LEU C 12 -6.26 -14.74 -12.03
N SER C 13 -6.95 -15.80 -12.47
CA SER C 13 -8.38 -15.77 -12.73
C SER C 13 -9.12 -16.69 -11.76
N VAL C 14 -10.30 -16.25 -11.31
CA VAL C 14 -11.03 -16.95 -10.26
C VAL C 14 -12.53 -16.81 -10.52
N ALA C 15 -13.29 -17.91 -10.32
CA ALA C 15 -14.75 -17.86 -10.43
C ALA C 15 -15.34 -17.25 -9.16
N PRO C 16 -16.48 -16.57 -9.26
CA PRO C 16 -17.05 -15.92 -8.07
C PRO C 16 -17.40 -16.95 -7.00
N GLY C 17 -17.24 -16.56 -5.74
CA GLY C 17 -17.55 -17.44 -4.64
C GLY C 17 -16.56 -18.57 -4.40
N LYS C 18 -15.69 -18.87 -5.37
CA LYS C 18 -14.64 -19.83 -5.12
C LYS C 18 -13.47 -19.14 -4.40
N THR C 19 -12.41 -19.90 -4.11
CA THR C 19 -11.27 -19.32 -3.42
C THR C 19 -10.21 -18.90 -4.43
N ALA C 20 -9.71 -17.67 -4.28
CA ALA C 20 -8.56 -17.19 -5.03
C ALA C 20 -7.29 -17.35 -4.19
N THR C 21 -6.24 -17.91 -4.79
CA THR C 21 -5.01 -18.24 -4.08
C THR C 21 -3.83 -17.55 -4.79
N LEU C 22 -3.41 -16.40 -4.26
CA LEU C 22 -2.38 -15.57 -4.86
C LEU C 22 -1.03 -15.92 -4.26
N THR C 23 -0.05 -16.15 -5.14
CA THR C 23 1.25 -16.70 -4.83
C THR C 23 2.30 -15.61 -4.77
N CYS C 24 3.28 -15.72 -3.87
CA CYS C 24 4.43 -14.83 -3.89
C CYS C 24 5.64 -15.67 -3.50
N GLY C 25 6.58 -15.82 -4.42
CA GLY C 25 7.64 -16.81 -4.31
C GLY C 25 8.93 -16.17 -3.85
N GLY C 26 9.68 -16.90 -3.04
CA GLY C 26 10.94 -16.38 -2.56
C GLY C 26 11.85 -17.47 -2.05
N ASN C 27 13.14 -17.38 -2.39
CA ASN C 27 14.13 -18.25 -1.81
C ASN C 27 14.05 -18.12 -0.29
N ASN C 28 13.55 -19.16 0.37
CA ASN C 28 13.19 -19.15 1.78
C ASN C 28 12.50 -17.84 2.18
N ILE C 29 11.37 -17.58 1.53
CA ILE C 29 10.55 -16.44 1.95
C ILE C 29 9.99 -16.67 3.34
N ALA C 30 10.00 -17.93 3.81
CA ALA C 30 9.62 -18.20 5.19
C ALA C 30 10.43 -17.34 6.14
N GLY C 31 11.71 -17.14 5.83
CA GLY C 31 12.58 -16.36 6.68
C GLY C 31 12.23 -14.89 6.78
N LYS C 32 11.30 -14.41 5.95
CA LYS C 32 10.83 -13.04 5.98
C LYS C 32 9.35 -13.01 6.34
N THR C 33 8.90 -11.84 6.77
CA THR C 33 7.50 -11.62 7.12
C THR C 33 6.95 -10.66 6.07
N VAL C 34 6.15 -11.18 5.15
CA VAL C 34 5.61 -10.37 4.06
C VAL C 34 4.29 -9.64 4.32
N HIS C 35 4.10 -8.55 3.58
CA HIS C 35 2.92 -7.71 3.60
C HIS C 35 2.25 -7.73 2.24
N TRP C 36 0.93 -7.56 2.22
CA TRP C 36 0.15 -7.61 0.99
C TRP C 36 -0.67 -6.35 0.86
N TYR C 37 -0.66 -5.78 -0.35
CA TYR C 37 -1.45 -4.62 -0.73
C TYR C 37 -2.37 -4.97 -1.90
N GLN C 38 -3.58 -4.42 -1.86
CA GLN C 38 -4.52 -4.46 -2.96
C GLN C 38 -4.59 -3.07 -3.56
N GLN C 39 -4.70 -3.00 -4.89
CA GLN C 39 -4.79 -1.73 -5.56
C GLN C 39 -5.84 -1.82 -6.66
N ARG C 40 -6.70 -0.83 -6.72
CA ARG C 40 -7.80 -0.74 -7.67
C ARG C 40 -7.50 0.31 -8.72
N PRO C 41 -8.11 0.21 -9.90
CA PRO C 41 -7.83 1.20 -10.96
C PRO C 41 -8.00 2.64 -10.47
N GLY C 42 -6.93 3.42 -10.54
CA GLY C 42 -6.94 4.83 -10.18
C GLY C 42 -6.89 5.15 -8.70
N GLN C 43 -6.32 4.27 -7.87
CA GLN C 43 -6.37 4.45 -6.41
C GLN C 43 -5.05 4.03 -5.76
N ALA C 44 -4.66 4.75 -4.71
CA ALA C 44 -3.44 4.37 -3.99
C ALA C 44 -3.63 3.01 -3.34
N PRO C 45 -2.54 2.26 -3.15
CA PRO C 45 -2.66 0.91 -2.59
C PRO C 45 -3.21 0.92 -1.17
N VAL C 46 -3.78 -0.22 -0.77
CA VAL C 46 -4.33 -0.42 0.56
C VAL C 46 -3.81 -1.74 1.11
N LEU C 47 -3.17 -1.67 2.28
CA LEU C 47 -2.59 -2.84 2.91
C LEU C 47 -3.70 -3.81 3.32
N VAL C 48 -3.69 -5.00 2.76
CA VAL C 48 -4.71 -5.99 3.08
C VAL C 48 -4.21 -7.07 4.03
N ILE C 49 -2.91 -7.28 4.14
CA ILE C 49 -2.34 -8.23 5.10
C ILE C 49 -0.98 -7.70 5.52
N SER C 50 -0.56 -8.02 6.73
CA SER C 50 0.73 -7.61 7.26
C SER C 50 1.32 -8.72 8.12
N TYR C 51 2.63 -8.77 8.23
CA TYR C 51 3.27 -9.80 9.04
C TYR C 51 2.67 -11.18 8.73
N ASP C 52 2.75 -11.59 7.49
CA ASP C 52 2.30 -12.88 7.13
C ASP C 52 0.85 -13.24 7.18
N SER C 53 0.21 -13.16 8.33
CA SER C 53 -1.14 -13.68 8.44
C SER C 53 -1.83 -12.94 9.48
N ASP C 54 -1.74 -11.64 9.26
CA ASP C 54 -2.30 -10.60 10.10
C ASP C 54 -3.29 -9.86 9.21
N ARG C 55 -4.37 -9.41 9.82
CA ARG C 55 -5.42 -8.79 9.02
C ARG C 55 -5.81 -7.47 9.68
N PRO C 56 -5.58 -6.34 9.03
CA PRO C 56 -5.83 -5.04 9.67
C PRO C 56 -7.30 -4.66 9.75
N SER C 57 -7.55 -3.38 10.03
CA SER C 57 -8.83 -2.85 10.48
C SER C 57 -10.02 -3.15 9.58
N GLY C 58 -10.04 -2.58 8.38
CA GLY C 58 -11.22 -2.66 7.54
C GLY C 58 -11.33 -3.89 6.68
N ILE C 59 -10.38 -4.81 6.78
CA ILE C 59 -10.18 -5.84 5.78
C ILE C 59 -11.09 -7.01 6.07
N PRO C 60 -11.92 -7.43 5.12
CA PRO C 60 -12.83 -8.56 5.35
C PRO C 60 -12.09 -9.87 5.70
N GLU C 61 -12.69 -10.68 6.55
CA GLU C 61 -12.11 -11.96 6.97
C GLU C 61 -12.01 -13.02 5.88
N ARG C 62 -12.66 -12.82 4.72
CA ARG C 62 -12.39 -13.64 3.54
C ARG C 62 -10.92 -13.57 3.14
N PHE C 63 -10.24 -12.47 3.47
CA PHE C 63 -8.81 -12.30 3.22
C PHE C 63 -7.97 -12.89 4.35
N SER C 64 -6.91 -13.59 3.97
CA SER C 64 -6.01 -14.17 4.97
C SER C 64 -4.71 -14.58 4.30
N GLY C 65 -3.64 -14.61 5.08
CA GLY C 65 -2.32 -14.81 4.52
C GLY C 65 -1.51 -15.81 5.30
N SER C 66 -0.64 -16.50 4.57
CA SER C 66 0.31 -17.44 5.16
C SER C 66 1.62 -17.37 4.40
N ASN C 67 2.62 -18.09 4.92
CA ASN C 67 4.00 -17.99 4.48
C ASN C 67 4.71 -19.27 4.90
N SER C 68 5.20 -20.05 3.95
CA SER C 68 5.88 -21.28 4.34
C SER C 68 6.78 -21.77 3.21
N ALA C 69 7.93 -22.29 3.58
CA ALA C 69 8.98 -22.71 2.67
C ALA C 69 9.29 -21.57 1.81
N ASN C 70 9.08 -21.74 0.50
CA ASN C 70 9.35 -20.67 -0.44
C ASN C 70 8.10 -20.06 -1.07
N THR C 71 7.02 -19.97 -0.30
CA THR C 71 5.80 -19.38 -0.84
C THR C 71 4.98 -18.70 0.25
N ALA C 72 4.78 -17.40 0.09
CA ALA C 72 3.72 -16.71 0.79
C ALA C 72 2.46 -16.75 -0.07
N THR C 73 1.30 -16.76 0.61
CA THR C 73 0.04 -16.87 -0.10
C THR C 73 -0.95 -15.90 0.50
N LEU C 74 -1.46 -15.01 -0.33
CA LEU C 74 -2.65 -14.24 0.01
C LEU C 74 -3.84 -15.02 -0.50
N THR C 75 -4.77 -15.33 0.38
CA THR C 75 -5.88 -16.22 0.08
C THR C 75 -7.17 -15.46 0.33
N ILE C 76 -8.03 -15.39 -0.69
CA ILE C 76 -9.32 -14.72 -0.61
C ILE C 76 -10.41 -15.77 -0.79
N SER C 77 -11.25 -15.92 0.23
CA SER C 77 -12.34 -16.87 0.13
C SER C 77 -13.56 -16.17 -0.44
N ARG C 78 -14.38 -16.93 -1.18
CA ARG C 78 -15.66 -16.46 -1.71
C ARG C 78 -15.48 -15.12 -2.43
N VAL C 79 -14.93 -15.14 -3.63
CA VAL C 79 -14.48 -13.89 -4.23
C VAL C 79 -15.69 -13.11 -4.73
N GLU C 80 -15.66 -11.82 -4.45
CA GLU C 80 -16.60 -10.87 -5.00
C GLU C 80 -16.02 -10.27 -6.27
N ALA C 81 -16.88 -9.60 -7.04
CA ALA C 81 -16.40 -8.94 -8.24
C ALA C 81 -15.47 -7.79 -7.90
N GLY C 82 -15.70 -7.13 -6.76
CA GLY C 82 -14.91 -5.98 -6.36
C GLY C 82 -13.59 -6.38 -5.73
N ASP C 83 -13.26 -7.66 -5.87
CA ASP C 83 -11.93 -8.12 -5.53
C ASP C 83 -10.99 -8.07 -6.72
N GLU C 84 -11.51 -7.82 -7.92
CA GLU C 84 -10.65 -7.58 -9.08
C GLU C 84 -9.73 -6.43 -8.76
N ALA C 85 -8.43 -6.68 -8.83
CA ALA C 85 -7.47 -5.71 -8.31
C ALA C 85 -6.07 -6.26 -8.55
N ASP C 86 -5.07 -5.38 -8.43
CA ASP C 86 -3.69 -5.83 -8.48
C ASP C 86 -3.22 -6.10 -7.07
N TYR C 87 -2.51 -7.21 -6.91
CA TYR C 87 -2.07 -7.64 -5.60
C TYR C 87 -0.56 -7.70 -5.57
N TYR C 88 0.04 -6.85 -4.74
CA TYR C 88 1.48 -6.77 -4.57
C TYR C 88 1.87 -7.31 -3.19
N CYS C 89 2.95 -8.08 -3.20
CA CYS C 89 3.57 -8.65 -2.01
C CYS C 89 4.88 -7.88 -1.80
N GLN C 90 5.20 -7.62 -0.54
CA GLN C 90 6.39 -6.88 -0.14
C GLN C 90 7.10 -7.46 1.06
N VAL C 91 8.39 -7.30 1.05
CA VAL C 91 9.24 -7.66 2.14
C VAL C 91 10.34 -6.64 2.32
N TRP C 92 11.00 -6.69 3.44
CA TRP C 92 12.19 -5.89 3.67
C TRP C 92 13.37 -6.86 3.63
N ASP C 93 14.34 -6.58 2.76
CA ASP C 93 15.50 -7.42 2.56
C ASP C 93 16.64 -6.80 3.34
N ARG C 94 16.93 -7.41 4.49
CA ARG C 94 18.03 -7.01 5.35
C ARG C 94 19.36 -7.20 4.67
N ASN C 95 19.48 -8.20 3.80
CA ASN C 95 20.75 -8.48 3.15
C ASN C 95 21.12 -7.39 2.16
N SER C 96 20.19 -6.51 1.80
CA SER C 96 20.51 -5.38 0.93
C SER C 96 20.06 -4.03 1.48
N ASP C 97 19.36 -3.98 2.61
CA ASP C 97 18.75 -2.75 3.10
C ASP C 97 17.81 -2.18 2.03
N HIS C 98 16.93 -3.04 1.52
CA HIS C 98 16.00 -2.63 0.48
C HIS C 98 14.58 -3.03 0.83
N TRP C 99 13.62 -2.18 0.47
CA TRP C 99 12.25 -2.66 0.37
C TRP C 99 12.08 -3.31 -0.98
N VAL C 100 11.37 -4.45 -1.01
CA VAL C 100 11.18 -5.21 -2.25
C VAL C 100 9.71 -5.49 -2.44
N PHE C 101 9.18 -5.10 -3.59
CA PHE C 101 7.83 -5.42 -4.03
C PHE C 101 7.88 -6.50 -5.09
N GLY C 102 6.89 -7.38 -5.07
CA GLY C 102 6.73 -8.30 -6.16
C GLY C 102 6.27 -7.55 -7.37
N GLY C 103 6.18 -8.27 -8.48
CA GLY C 103 5.76 -7.65 -9.72
C GLY C 103 4.28 -7.32 -9.74
N GLY C 104 3.49 -8.04 -8.94
CA GLY C 104 2.06 -7.84 -8.92
C GLY C 104 1.30 -8.92 -9.65
N THR C 105 0.13 -9.30 -9.14
CA THR C 105 -0.76 -10.24 -9.81
C THR C 105 -2.08 -9.52 -10.10
N LYS C 106 -2.47 -9.48 -11.36
CA LYS C 106 -3.77 -8.94 -11.75
C LYS C 106 -4.82 -10.03 -11.54
N LEU C 107 -5.69 -9.83 -10.57
CA LEU C 107 -6.71 -10.82 -10.25
C LEU C 107 -7.90 -10.61 -11.17
N THR C 108 -8.22 -11.60 -11.99
CA THR C 108 -9.42 -11.50 -12.82
C THR C 108 -10.53 -12.38 -12.23
N VAL C 109 -11.69 -11.78 -12.04
CA VAL C 109 -12.87 -12.47 -11.53
C VAL C 109 -13.68 -12.91 -12.75
N LEU C 110 -13.90 -14.21 -12.88
CA LEU C 110 -14.69 -14.70 -13.98
C LEU C 110 -16.17 -14.51 -13.69
N GLY C 111 -16.99 -14.89 -14.66
CA GLY C 111 -18.40 -14.92 -14.46
C GLY C 111 -19.09 -13.59 -14.58
N GLN C 112 -18.36 -12.56 -14.97
CA GLN C 112 -18.97 -11.24 -15.14
C GLN C 112 -19.76 -11.20 -16.44
N PRO C 113 -20.98 -10.67 -16.43
CA PRO C 113 -21.84 -10.75 -17.60
C PRO C 113 -21.47 -9.72 -18.65
N LYS C 114 -21.69 -10.11 -19.91
CA LYS C 114 -21.42 -9.24 -21.04
C LYS C 114 -22.18 -7.92 -20.88
N ALA C 115 -21.48 -6.81 -21.02
CA ALA C 115 -22.14 -5.51 -21.06
C ALA C 115 -21.93 -4.89 -22.44
N ALA C 116 -23.01 -4.37 -23.03
CA ALA C 116 -22.89 -3.75 -24.35
C ALA C 116 -22.45 -2.30 -24.22
N PRO C 117 -21.80 -1.76 -25.23
CA PRO C 117 -21.31 -0.38 -25.10
C PRO C 117 -22.33 0.67 -25.48
N SER C 118 -22.45 1.66 -24.63
CA SER C 118 -23.10 2.90 -25.02
C SER C 118 -22.15 3.65 -25.96
N VAL C 119 -22.64 3.98 -27.14
CA VAL C 119 -21.89 4.80 -28.08
C VAL C 119 -22.57 6.15 -28.21
N THR C 120 -21.78 7.21 -28.15
CA THR C 120 -22.28 8.53 -28.50
C THR C 120 -21.28 9.21 -29.43
N LEU C 121 -21.80 9.80 -30.51
CA LEU C 121 -21.01 10.37 -31.61
C LEU C 121 -21.29 11.86 -31.77
N PHE C 122 -20.26 12.68 -31.62
CA PHE C 122 -20.34 14.14 -31.72
C PHE C 122 -19.67 14.63 -33.00
N PRO C 123 -20.37 15.47 -33.78
CA PRO C 123 -19.77 16.11 -34.95
C PRO C 123 -18.80 17.20 -34.54
N PRO C 124 -17.94 17.64 -35.46
CA PRO C 124 -17.03 18.75 -35.11
C PRO C 124 -17.83 19.96 -34.68
N SER C 125 -17.29 20.65 -33.70
CA SER C 125 -17.94 21.82 -33.15
C SER C 125 -17.85 23.01 -34.11
N SER C 126 -18.86 23.87 -34.04
CA SER C 126 -18.89 25.09 -34.85
C SER C 126 -17.62 25.89 -34.66
N GLU C 127 -17.29 26.17 -33.39
CA GLU C 127 -16.04 26.84 -33.04
C GLU C 127 -14.85 26.16 -33.68
N GLU C 128 -14.74 24.84 -33.49
CA GLU C 128 -13.56 24.17 -34.01
C GLU C 128 -13.40 24.40 -35.50
N LEU C 129 -14.50 24.42 -36.24
CA LEU C 129 -14.41 24.72 -37.66
C LEU C 129 -13.98 26.17 -37.88
N GLN C 130 -14.48 27.09 -37.04
CA GLN C 130 -14.02 28.47 -37.12
C GLN C 130 -12.52 28.58 -36.88
N ALA C 131 -11.92 27.57 -36.29
CA ALA C 131 -10.46 27.53 -36.13
C ALA C 131 -9.79 26.67 -37.20
N ASN C 132 -10.51 26.33 -38.25
CA ASN C 132 -9.95 25.60 -39.40
C ASN C 132 -9.40 24.24 -38.98
N LYS C 133 -10.11 23.58 -38.06
CA LYS C 133 -9.95 22.15 -37.81
C LYS C 133 -11.33 21.50 -37.80
N ALA C 134 -11.33 20.18 -37.65
CA ALA C 134 -12.58 19.44 -37.45
C ALA C 134 -12.23 18.14 -36.75
N THR C 135 -12.89 17.84 -35.63
CA THR C 135 -12.67 16.60 -34.89
C THR C 135 -14.00 15.87 -34.73
N LEU C 136 -14.07 14.62 -35.21
CA LEU C 136 -15.19 13.76 -34.91
C LEU C 136 -14.90 12.97 -33.62
N VAL C 137 -15.87 12.91 -32.70
CA VAL C 137 -15.64 12.31 -31.37
C VAL C 137 -16.58 11.13 -31.16
N CYS C 138 -16.03 9.93 -31.00
CA CYS C 138 -16.82 8.73 -30.81
C CYS C 138 -16.47 8.11 -29.47
N LEU C 139 -17.41 8.20 -28.50
CA LEU C 139 -17.17 7.73 -27.14
C LEU C 139 -17.94 6.44 -26.87
N ILE C 140 -17.27 5.52 -26.16
CA ILE C 140 -17.72 4.16 -25.96
C ILE C 140 -17.58 3.84 -24.47
N SER C 141 -18.70 3.65 -23.78
CA SER C 141 -18.61 3.39 -22.34
C SER C 141 -19.42 2.18 -21.95
N ASP C 142 -19.04 1.62 -20.79
CA ASP C 142 -19.89 0.72 -20.03
C ASP C 142 -20.01 -0.66 -20.68
N PHE C 143 -18.90 -1.19 -21.19
CA PHE C 143 -18.93 -2.46 -21.92
C PHE C 143 -17.99 -3.51 -21.33
N TYR C 144 -18.28 -4.77 -21.67
CA TYR C 144 -17.57 -5.91 -21.12
C TYR C 144 -17.81 -7.17 -21.93
N PRO C 145 -16.75 -7.92 -22.29
CA PRO C 145 -15.31 -7.77 -22.02
C PRO C 145 -14.68 -6.55 -22.69
N GLY C 146 -13.41 -6.28 -22.42
CA GLY C 146 -12.86 -5.00 -22.83
C GLY C 146 -12.23 -4.95 -24.22
N ALA C 147 -12.91 -5.43 -25.24
CA ALA C 147 -12.34 -5.50 -26.57
C ALA C 147 -13.35 -4.90 -27.53
N VAL C 148 -12.99 -3.80 -28.16
CA VAL C 148 -13.87 -3.12 -29.08
C VAL C 148 -13.09 -2.96 -30.36
N THR C 149 -13.81 -2.91 -31.47
CA THR C 149 -13.23 -2.46 -32.73
C THR C 149 -13.96 -1.20 -33.20
N VAL C 150 -13.21 -0.16 -33.47
CA VAL C 150 -13.80 1.07 -34.00
C VAL C 150 -13.40 1.18 -35.46
N ALA C 151 -14.32 1.66 -36.29
CA ALA C 151 -14.08 1.85 -37.71
C ALA C 151 -14.78 3.13 -38.14
N TRP C 152 -14.16 3.91 -39.02
CA TRP C 152 -14.76 5.14 -39.49
C TRP C 152 -15.06 5.08 -40.98
N LYS C 153 -16.18 5.67 -41.37
CA LYS C 153 -16.56 5.79 -42.76
C LYS C 153 -16.83 7.26 -43.09
N ALA C 154 -16.41 7.66 -44.28
CA ALA C 154 -16.92 8.85 -44.96
C ALA C 154 -17.83 8.33 -46.06
N ASP C 155 -19.11 8.54 -45.91
CA ASP C 155 -20.12 7.98 -46.74
C ASP C 155 -19.83 6.51 -46.49
N SER C 156 -19.61 5.76 -47.53
CA SER C 156 -19.36 4.35 -47.44
C SER C 156 -17.96 3.85 -47.44
N SER C 157 -17.05 4.77 -47.61
CA SER C 157 -15.65 4.42 -47.75
C SER C 157 -14.98 4.40 -46.38
N PRO C 158 -14.27 3.33 -46.04
CA PRO C 158 -13.44 3.33 -44.83
C PRO C 158 -12.48 4.52 -44.81
N VAL C 159 -12.14 4.95 -43.61
CA VAL C 159 -11.16 6.00 -43.37
C VAL C 159 -10.20 5.49 -42.29
N LYS C 160 -8.90 5.47 -42.62
CA LYS C 160 -7.87 5.11 -41.66
C LYS C 160 -6.95 6.26 -41.28
N ALA C 161 -6.63 7.18 -42.20
CA ALA C 161 -5.78 8.30 -41.83
C ALA C 161 -6.50 9.23 -40.86
N GLY C 162 -5.80 9.64 -39.80
CA GLY C 162 -6.35 10.58 -38.85
C GLY C 162 -7.16 9.99 -37.73
N VAL C 163 -7.27 8.66 -37.66
CA VAL C 163 -7.98 7.98 -36.59
C VAL C 163 -7.02 7.73 -35.43
N GLU C 164 -7.36 8.23 -34.25
CA GLU C 164 -6.65 7.89 -33.02
C GLU C 164 -7.65 7.23 -32.09
N THR C 165 -7.42 5.97 -31.71
CA THR C 165 -8.34 5.21 -30.88
C THR C 165 -7.65 4.80 -29.58
N THR C 166 -8.30 5.02 -28.46
CA THR C 166 -7.70 4.61 -27.21
C THR C 166 -7.79 3.10 -27.02
N THR C 167 -6.82 2.56 -26.28
CA THR C 167 -6.96 1.23 -25.70
C THR C 167 -8.03 1.25 -24.62
N PRO C 168 -8.89 0.23 -24.54
CA PRO C 168 -9.96 0.27 -23.52
C PRO C 168 -9.37 0.30 -22.11
N SER C 169 -10.02 1.06 -21.22
CA SER C 169 -9.53 1.30 -19.85
C SER C 169 -10.54 0.76 -18.86
N LYS C 170 -10.06 -0.09 -17.94
CA LYS C 170 -10.93 -0.61 -16.89
C LYS C 170 -11.39 0.55 -16.02
N GLN C 171 -12.70 0.78 -15.97
CA GLN C 171 -13.19 1.85 -15.13
C GLN C 171 -13.52 1.28 -13.75
N SER C 172 -14.41 1.98 -13.02
CA SER C 172 -14.59 1.74 -11.60
C SER C 172 -15.35 0.46 -11.34
N ASN C 173 -16.39 0.20 -12.16
CA ASN C 173 -17.35 -0.89 -11.98
C ASN C 173 -16.85 -2.24 -12.51
N ASN C 174 -15.60 -2.31 -13.00
CA ASN C 174 -14.94 -3.40 -13.73
C ASN C 174 -15.26 -3.37 -15.22
N LYS C 175 -16.14 -2.49 -15.71
CA LYS C 175 -16.39 -2.34 -17.14
C LYS C 175 -15.31 -1.44 -17.77
N TYR C 176 -15.48 -1.13 -19.05
CA TYR C 176 -14.44 -0.42 -19.76
C TYR C 176 -15.02 0.79 -20.47
N ALA C 177 -14.11 1.71 -20.79
CA ALA C 177 -14.38 2.90 -21.56
C ALA C 177 -13.30 3.03 -22.64
N ALA C 178 -13.67 3.66 -23.75
CA ALA C 178 -12.77 3.84 -24.87
C ALA C 178 -13.21 5.05 -25.67
N SER C 179 -12.28 5.55 -26.47
CA SER C 179 -12.49 6.78 -27.23
C SER C 179 -11.85 6.66 -28.60
N SER C 180 -12.52 7.15 -29.63
CA SER C 180 -11.91 7.25 -30.92
C SER C 180 -12.13 8.65 -31.45
N TYR C 181 -11.11 9.23 -32.07
CA TYR C 181 -11.21 10.57 -32.65
C TYR C 181 -10.75 10.51 -34.09
N LEU C 182 -11.58 11.04 -34.97
CA LEU C 182 -11.24 11.16 -36.38
C LEU C 182 -10.93 12.62 -36.66
N SER C 183 -9.67 12.93 -36.91
CA SER C 183 -9.26 14.31 -37.17
C SER C 183 -9.32 14.61 -38.64
N LEU C 184 -9.99 15.72 -38.97
CA LEU C 184 -10.34 16.10 -40.32
C LEU C 184 -9.99 17.56 -40.60
N THR C 185 -9.80 17.83 -41.84
CA THR C 185 -9.90 19.14 -42.45
C THR C 185 -11.37 19.54 -42.61
N PRO C 186 -11.74 20.80 -42.33
CA PRO C 186 -13.15 21.19 -42.48
C PRO C 186 -13.65 21.04 -43.91
N GLU C 187 -12.77 21.23 -44.91
CA GLU C 187 -13.12 20.89 -46.28
C GLU C 187 -13.50 19.41 -46.39
N GLN C 188 -12.62 18.53 -45.92
CA GLN C 188 -12.93 17.11 -45.89
C GLN C 188 -14.25 16.87 -45.20
N TRP C 189 -14.44 17.50 -44.04
CA TRP C 189 -15.68 17.29 -43.31
C TRP C 189 -16.88 17.66 -44.16
N LYS C 190 -16.81 18.78 -44.87
CA LYS C 190 -17.98 19.31 -45.56
C LYS C 190 -18.22 18.68 -46.94
N SER C 191 -17.26 17.93 -47.48
CA SER C 191 -17.42 17.34 -48.81
C SER C 191 -17.87 15.86 -48.77
N HIS C 192 -18.73 15.53 -47.82
CA HIS C 192 -19.21 14.16 -47.69
C HIS C 192 -20.57 14.18 -47.03
N ARG C 193 -21.51 13.43 -47.57
CA ARG C 193 -22.86 13.42 -46.99
C ARG C 193 -22.89 13.09 -45.49
N SER C 194 -22.10 12.14 -45.10
CA SER C 194 -22.05 11.72 -43.73
C SER C 194 -20.72 11.21 -43.32
N TYR C 195 -20.56 11.05 -42.02
CA TYR C 195 -19.42 10.40 -41.40
C TYR C 195 -19.98 9.40 -40.40
N SER C 196 -19.34 8.27 -40.23
CA SER C 196 -19.93 7.19 -39.46
C SER C 196 -18.88 6.56 -38.57
N CYS C 197 -19.28 6.31 -37.32
CA CYS C 197 -18.49 5.60 -36.31
C CYS C 197 -19.14 4.24 -36.07
N GLN C 198 -18.37 3.16 -36.25
CA GLN C 198 -18.86 1.79 -36.21
C GLN C 198 -18.11 1.05 -35.12
N VAL C 199 -18.80 0.72 -34.04
CA VAL C 199 -18.22 0.05 -32.87
C VAL C 199 -18.70 -1.39 -32.84
N THR C 200 -17.76 -2.33 -32.75
CA THR C 200 -18.05 -3.75 -32.72
C THR C 200 -17.56 -4.29 -31.40
N HIS C 201 -18.44 -4.98 -30.70
CA HIS C 201 -18.13 -5.59 -29.42
C HIS C 201 -18.85 -6.92 -29.39
N GLU C 202 -18.10 -8.02 -29.21
CA GLU C 202 -18.70 -9.34 -28.97
C GLU C 202 -19.72 -9.70 -30.04
N GLY C 203 -19.35 -9.45 -31.30
CA GLY C 203 -20.16 -9.79 -32.45
C GLY C 203 -21.37 -8.91 -32.68
N SER C 204 -21.51 -7.82 -31.92
CA SER C 204 -22.62 -6.89 -32.05
C SER C 204 -22.08 -5.56 -32.51
N THR C 205 -22.85 -4.84 -33.32
CA THR C 205 -22.33 -3.63 -33.95
C THR C 205 -23.28 -2.47 -33.72
N VAL C 206 -22.71 -1.32 -33.36
CA VAL C 206 -23.44 -0.08 -33.20
C VAL C 206 -22.83 0.94 -34.17
N GLU C 207 -23.68 1.55 -34.99
CA GLU C 207 -23.23 2.53 -35.97
C GLU C 207 -23.95 3.86 -35.78
N LYS C 208 -23.17 4.92 -35.52
CA LYS C 208 -23.71 6.27 -35.46
C LYS C 208 -23.23 7.00 -36.70
N THR C 209 -24.06 7.94 -37.17
CA THR C 209 -23.80 8.65 -38.41
C THR C 209 -24.20 10.10 -38.19
N VAL C 210 -23.35 11.01 -38.62
CA VAL C 210 -23.62 12.44 -38.50
C VAL C 210 -23.24 13.10 -39.81
N ALA C 211 -24.00 14.13 -40.18
CA ALA C 211 -23.82 14.76 -41.46
C ALA C 211 -23.45 16.23 -41.29
N PRO C 212 -22.58 16.75 -42.14
CA PRO C 212 -22.30 18.19 -42.11
C PRO C 212 -23.56 19.04 -42.24
N THR C 213 -24.57 18.57 -42.99
CA THR C 213 -25.91 19.14 -42.94
C THR C 213 -26.52 18.85 -41.57
N GLU C 214 -26.04 19.55 -40.53
CA GLU C 214 -26.27 19.18 -39.13
C GLU C 214 -27.76 19.10 -38.78
#